data_4QDE
#
_entry.id   4QDE
#
_cell.length_a   101.370
_cell.length_b   105.610
_cell.length_c   137.130
_cell.angle_alpha   90.00
_cell.angle_beta   90.00
_cell.angle_gamma   90.00
#
_symmetry.space_group_name_H-M   'P 21 21 21'
#
loop_
_entity.id
_entity.type
_entity.pdbx_description
1 polymer 'm7GpppX diphosphatase'
2 non-polymer 'PHOSPHATE ION'
3 non-polymer '2-{[(2,4-diaminoquinazolin-5-yl)oxy]methyl}benzenesulfonic acid'
#
_entity_poly.entity_id   1
_entity_poly.type   'polypeptide(L)'
_entity_poly.pdbx_seq_one_letter_code
;GADAAPQLGKRKRELDVEEAHAASTEEKEAGVGNGTCAPVRLPFSGFRLQKVLRESARDKIIFLHGKVNEASGDGDGEDA
VVILEKTPFQVEQVAQLLTGSPELQLQFSNDIYSTYHLFPPRQLNDVKTTVVYPATEKHLQKYLRQDLRLIRETGDDYRN
ITLPHLESQSLSIQWVYNILDKKAEADRIVFENPDPSDGFVLIPDLKWNQQQLDDLYLIAICHRRGIRSLRDLTPEHLPL
LRNILHQGQEAILQRYRMKGDHLRVYLHYLPSYYHLHVHFTALGFEAPGSGVERAHLLAEVIENLECDPRHYQQRTLTFA
LRADDPLLKLLQEAQQS
;
_entity_poly.pdbx_strand_id   A,B,C,D
#
loop_
_chem_comp.id
_chem_comp.type
_chem_comp.name
_chem_comp.formula
30S non-polymer '2-{[(2,4-diaminoquinazolin-5-yl)oxy]methyl}benzenesulfonic acid' 'C15 H14 N4 O4 S'
PO4 non-polymer 'PHOSPHATE ION' 'O4 P -3'
#
# COMPACT_ATOMS: atom_id res chain seq x y z
N VAL A 40 45.27 11.51 -32.33
CA VAL A 40 44.07 11.48 -33.18
C VAL A 40 42.93 12.38 -32.62
N ARG A 41 41.97 12.77 -33.50
CA ARG A 41 40.82 13.67 -33.26
C ARG A 41 39.44 12.94 -33.18
N LEU A 42 38.47 13.59 -32.47
CA LEU A 42 37.07 13.16 -32.33
C LEU A 42 36.39 13.15 -33.72
N PRO A 43 35.22 12.49 -33.92
CA PRO A 43 34.63 12.53 -35.27
C PRO A 43 33.80 13.79 -35.54
N PHE A 44 33.83 14.79 -34.62
CA PHE A 44 33.00 15.99 -34.74
C PHE A 44 33.72 17.33 -34.63
N SER A 45 33.04 18.38 -35.13
CA SER A 45 33.45 19.78 -35.17
C SER A 45 32.99 20.51 -33.91
N GLY A 46 33.65 20.17 -32.79
CA GLY A 46 33.34 20.73 -31.48
C GLY A 46 32.06 20.19 -30.88
N PHE A 47 31.85 20.41 -29.58
CA PHE A 47 30.69 19.92 -28.84
C PHE A 47 29.96 21.08 -28.14
N ARG A 48 28.62 20.96 -27.94
CA ARG A 48 27.79 21.98 -27.28
C ARG A 48 26.68 21.28 -26.49
N LEU A 49 26.95 20.94 -25.20
CA LEU A 49 26.01 20.22 -24.34
C LEU A 49 24.63 20.85 -24.31
N GLN A 50 23.64 20.10 -24.77
CA GLN A 50 22.24 20.50 -24.81
C GLN A 50 21.47 19.97 -23.60
N LYS A 51 21.64 18.67 -23.28
CA LYS A 51 20.98 18.04 -22.14
C LYS A 51 21.81 16.87 -21.61
N VAL A 52 21.80 16.66 -20.28
CA VAL A 52 22.48 15.52 -19.64
C VAL A 52 21.41 14.43 -19.62
N LEU A 53 21.53 13.45 -20.53
CA LEU A 53 20.57 12.36 -20.69
C LEU A 53 20.47 11.51 -19.40
N ARG A 54 21.60 10.93 -18.93
CA ARG A 54 21.68 10.13 -17.71
C ARG A 54 22.99 10.42 -16.95
N GLU A 55 22.97 10.30 -15.62
CA GLU A 55 24.14 10.52 -14.76
C GLU A 55 24.04 9.69 -13.48
N SER A 56 24.62 8.48 -13.49
CA SER A 56 24.62 7.61 -12.31
C SER A 56 25.95 7.70 -11.57
N ALA A 57 25.90 8.29 -10.37
CA ALA A 57 27.04 8.45 -9.47
C ALA A 57 27.54 7.09 -8.99
N ARG A 58 26.62 6.10 -8.88
CA ARG A 58 26.89 4.72 -8.48
C ARG A 58 27.75 3.99 -9.51
N ASP A 59 27.32 4.04 -10.79
CA ASP A 59 27.99 3.38 -11.94
C ASP A 59 29.15 4.19 -12.54
N LYS A 60 29.43 5.40 -11.98
CA LYS A 60 30.47 6.36 -12.42
C LYS A 60 30.42 6.56 -13.93
N ILE A 61 29.21 6.92 -14.43
CA ILE A 61 28.93 7.10 -15.85
C ILE A 61 28.04 8.33 -16.09
N ILE A 62 28.21 8.98 -17.26
CA ILE A 62 27.43 10.12 -17.71
C ILE A 62 27.05 9.97 -19.19
N PHE A 63 25.86 10.45 -19.57
CA PHE A 63 25.30 10.38 -20.91
C PHE A 63 24.99 11.81 -21.31
N LEU A 64 25.72 12.32 -22.33
CA LEU A 64 25.58 13.70 -22.75
C LEU A 64 25.07 13.87 -24.18
N HIS A 65 24.11 14.79 -24.37
CA HIS A 65 23.58 15.13 -25.68
C HIS A 65 24.15 16.48 -26.09
N GLY A 66 24.79 16.52 -27.25
CA GLY A 66 25.38 17.74 -27.77
C GLY A 66 25.18 17.94 -29.25
N LYS A 67 25.15 19.21 -29.62
CA LYS A 67 25.02 19.64 -31.00
C LYS A 67 26.45 19.78 -31.49
N VAL A 68 26.82 18.98 -32.50
CA VAL A 68 28.18 19.01 -33.05
C VAL A 68 28.22 19.57 -34.46
N GLU A 78 24.23 19.49 -36.30
CA GLU A 78 24.10 18.03 -36.24
C GLU A 78 24.06 17.46 -34.80
N ASP A 79 23.46 16.27 -34.60
CA ASP A 79 23.29 15.71 -33.24
C ASP A 79 24.24 14.57 -32.88
N ALA A 80 24.87 14.66 -31.70
CA ALA A 80 25.79 13.64 -31.19
C ALA A 80 25.61 13.33 -29.70
N VAL A 81 25.74 12.05 -29.34
CA VAL A 81 25.64 11.59 -27.96
C VAL A 81 26.98 11.04 -27.48
N VAL A 82 27.50 11.57 -26.36
CA VAL A 82 28.78 11.13 -25.80
C VAL A 82 28.59 10.49 -24.43
N ILE A 83 28.99 9.20 -24.32
CA ILE A 83 28.95 8.41 -23.07
C ILE A 83 30.38 8.39 -22.48
N LEU A 84 30.52 8.76 -21.20
CA LEU A 84 31.79 8.73 -20.47
C LEU A 84 31.63 7.81 -19.28
N GLU A 85 32.54 6.85 -19.11
CA GLU A 85 32.48 5.90 -18.01
C GLU A 85 33.87 5.75 -17.40
N LYS A 86 33.93 5.77 -16.04
CA LYS A 86 35.19 5.57 -15.32
C LYS A 86 35.56 4.10 -15.47
N THR A 87 36.84 3.80 -15.59
CA THR A 87 37.31 2.44 -15.82
C THR A 87 37.45 1.63 -14.52
N PRO A 88 37.17 0.29 -14.53
CA PRO A 88 37.38 -0.51 -13.31
C PRO A 88 38.88 -0.65 -13.03
N PHE A 89 39.26 -0.75 -11.74
CA PHE A 89 40.65 -0.85 -11.32
C PHE A 89 41.33 -2.13 -11.77
N GLN A 90 42.54 -2.00 -12.36
CA GLN A 90 43.33 -3.14 -12.80
C GLN A 90 44.30 -3.52 -11.67
N VAL A 91 43.94 -4.61 -10.96
CA VAL A 91 44.63 -5.22 -9.81
C VAL A 91 46.15 -4.96 -9.78
N GLU A 92 46.86 -5.25 -10.89
CA GLU A 92 48.30 -5.08 -11.02
C GLU A 92 48.73 -3.60 -11.06
N GLN A 93 48.12 -2.80 -11.94
CA GLN A 93 48.41 -1.38 -12.14
C GLN A 93 48.21 -0.53 -10.88
N VAL A 94 47.32 -0.99 -9.97
CA VAL A 94 46.99 -0.37 -8.69
C VAL A 94 48.00 -0.84 -7.62
N ALA A 95 48.36 -2.15 -7.65
CA ALA A 95 49.35 -2.77 -6.75
C ALA A 95 50.76 -2.21 -7.01
N GLN A 96 50.98 -1.71 -8.23
CA GLN A 96 52.22 -1.10 -8.71
C GLN A 96 52.32 0.33 -8.14
N LEU A 97 51.17 1.03 -8.06
CA LEU A 97 51.04 2.40 -7.59
C LEU A 97 51.16 2.53 -6.07
N LEU A 98 50.37 1.72 -5.31
CA LEU A 98 50.32 1.71 -3.85
C LEU A 98 51.65 1.34 -3.20
N THR A 99 52.52 0.65 -3.96
CA THR A 99 53.85 0.28 -3.47
C THR A 99 54.88 1.39 -3.83
N GLY A 100 54.37 2.60 -4.06
CA GLY A 100 55.11 3.82 -4.36
C GLY A 100 54.41 5.00 -3.73
N SER A 101 55.18 5.99 -3.21
CA SER A 101 54.64 7.17 -2.53
C SER A 101 53.70 8.02 -3.40
N PRO A 102 52.38 8.05 -3.08
CA PRO A 102 51.44 8.79 -3.92
C PRO A 102 51.08 10.20 -3.43
N GLU A 103 50.27 10.91 -4.23
CA GLU A 103 49.78 12.24 -3.94
C GLU A 103 48.40 12.11 -3.27
N LEU A 104 48.37 12.27 -1.92
CA LEU A 104 47.15 12.16 -1.12
C LEU A 104 46.75 13.48 -0.46
N GLN A 105 45.44 13.65 -0.24
CA GLN A 105 44.82 14.83 0.37
C GLN A 105 43.83 14.30 1.40
N LEU A 106 44.18 14.35 2.70
CA LEU A 106 43.32 13.85 3.77
C LEU A 106 41.99 14.63 3.88
N GLN A 107 40.85 13.92 3.78
CA GLN A 107 39.51 14.49 3.91
C GLN A 107 39.06 14.39 5.38
N PHE A 108 38.97 13.15 5.94
CA PHE A 108 38.54 12.90 7.33
C PHE A 108 39.36 11.78 8.03
N SER A 109 39.23 11.64 9.38
CA SER A 109 39.90 10.63 10.21
C SER A 109 39.10 10.29 11.50
N ASN A 110 39.23 9.03 11.98
CA ASN A 110 38.57 8.49 13.18
C ASN A 110 39.35 7.26 13.69
N ILE A 112 39.25 4.04 13.44
CA ILE A 112 40.06 3.28 12.49
C ILE A 112 40.00 3.86 11.05
N TYR A 113 38.89 4.57 10.71
CA TYR A 113 38.59 5.17 9.40
C TYR A 113 39.38 6.47 9.09
N SER A 114 39.76 6.67 7.81
CA SER A 114 40.44 7.87 7.28
C SER A 114 40.27 7.97 5.75
N THR A 115 39.68 9.07 5.25
CA THR A 115 39.43 9.30 3.82
C THR A 115 40.48 10.24 3.20
N TYR A 116 40.87 9.96 1.95
CA TYR A 116 41.87 10.67 1.17
C TYR A 116 41.40 10.89 -0.27
N HIS A 117 42.11 11.78 -1.00
CA HIS A 117 41.90 12.08 -2.41
C HIS A 117 43.21 11.73 -3.13
N LEU A 118 43.17 10.69 -3.97
CA LEU A 118 44.32 10.19 -4.72
C LEU A 118 44.31 10.68 -6.17
N PHE A 119 45.49 11.11 -6.64
CA PHE A 119 45.71 11.56 -8.01
C PHE A 119 46.75 10.65 -8.65
N PRO A 120 46.31 9.61 -9.40
CA PRO A 120 47.26 8.65 -9.98
C PRO A 120 47.88 9.08 -11.33
N PRO A 121 48.88 8.33 -11.89
CA PRO A 121 49.44 8.73 -13.20
C PRO A 121 48.49 8.48 -14.36
N ARG A 122 48.86 8.97 -15.58
CA ARG A 122 48.10 8.90 -16.83
C ARG A 122 47.42 7.53 -17.09
N GLN A 123 48.16 6.41 -16.92
CA GLN A 123 47.68 5.04 -17.15
C GLN A 123 46.40 4.71 -16.34
N LEU A 124 46.41 5.03 -15.03
CA LEU A 124 45.30 4.76 -14.12
C LEU A 124 44.18 5.80 -14.21
N ASN A 125 44.31 6.74 -15.17
CA ASN A 125 43.35 7.83 -15.44
C ASN A 125 42.57 7.62 -16.76
N ASP A 126 42.36 6.34 -17.14
CA ASP A 126 41.63 6.01 -18.34
C ASP A 126 40.13 6.24 -18.16
N VAL A 127 39.47 6.73 -19.23
CA VAL A 127 38.03 7.02 -19.25
C VAL A 127 37.46 6.43 -20.55
N LYS A 128 36.46 5.54 -20.43
CA LYS A 128 35.78 4.89 -21.57
C LYS A 128 34.86 5.93 -22.24
N THR A 129 35.13 6.27 -23.52
CA THR A 129 34.37 7.27 -24.28
C THR A 129 33.66 6.67 -25.47
N THR A 130 32.32 6.72 -25.48
CA THR A 130 31.57 6.21 -26.62
C THR A 130 30.89 7.40 -27.29
N VAL A 131 31.03 7.53 -28.62
CA VAL A 131 30.46 8.64 -29.39
C VAL A 131 29.47 8.12 -30.44
N VAL A 132 28.23 8.66 -30.40
CA VAL A 132 27.14 8.29 -31.33
C VAL A 132 26.90 9.51 -32.27
N TYR A 133 27.48 9.46 -33.50
CA TYR A 133 27.33 10.55 -34.47
C TYR A 133 27.07 10.07 -35.90
N PRO A 134 25.90 10.42 -36.50
CA PRO A 134 24.77 11.21 -35.96
C PRO A 134 23.83 10.39 -35.07
N ALA A 135 23.06 11.09 -34.22
CA ALA A 135 22.09 10.48 -33.29
C ALA A 135 20.70 11.06 -33.48
N THR A 136 19.67 10.18 -33.55
CA THR A 136 18.25 10.53 -33.74
C THR A 136 17.54 10.84 -32.42
N GLU A 137 16.22 11.18 -32.48
CA GLU A 137 15.40 11.47 -31.30
C GLU A 137 15.17 10.19 -30.47
N LYS A 138 14.98 9.04 -31.16
CA LYS A 138 14.77 7.73 -30.52
C LYS A 138 16.06 7.28 -29.85
N HIS A 139 17.22 7.80 -30.33
CA HIS A 139 18.53 7.54 -29.75
C HIS A 139 18.68 8.30 -28.43
N LEU A 140 18.11 9.52 -28.37
CA LEU A 140 18.15 10.39 -27.19
C LEU A 140 17.22 9.89 -26.11
N GLN A 141 16.07 9.36 -26.52
CA GLN A 141 15.00 8.78 -25.69
C GLN A 141 15.54 7.56 -24.90
N LYS A 142 16.45 6.80 -25.54
CA LYS A 142 17.10 5.59 -25.07
C LYS A 142 17.92 5.76 -23.80
N TYR A 143 18.52 6.94 -23.59
CA TYR A 143 19.38 7.16 -22.41
C TYR A 143 18.76 8.01 -21.32
N LEU A 144 17.47 8.33 -21.45
CA LEU A 144 16.76 9.14 -20.48
C LEU A 144 16.38 8.35 -19.23
N ARG A 145 16.66 8.93 -18.04
CA ARG A 145 16.28 8.31 -16.78
C ARG A 145 14.76 8.49 -16.57
N GLN A 146 14.01 7.44 -16.93
CA GLN A 146 12.55 7.34 -16.81
C GLN A 146 12.19 6.15 -15.91
N ASP A 147 11.10 6.34 -15.15
CA ASP A 147 10.47 5.40 -14.24
C ASP A 147 10.13 4.15 -15.02
N LEU A 148 10.46 2.98 -14.46
CA LEU A 148 10.15 1.70 -15.10
C LEU A 148 8.87 1.09 -14.54
N ARG A 149 8.11 0.46 -15.44
CA ARG A 149 6.87 -0.22 -15.09
C ARG A 149 6.95 -1.65 -15.55
N LEU A 150 6.32 -2.54 -14.80
CA LEU A 150 6.34 -3.95 -15.15
C LEU A 150 5.11 -4.37 -15.95
N ILE A 151 5.27 -5.32 -16.87
CA ILE A 151 4.16 -5.84 -17.66
C ILE A 151 4.31 -7.37 -17.90
N ARG A 152 3.15 -8.06 -17.91
CA ARG A 152 3.07 -9.49 -18.16
C ARG A 152 2.35 -9.67 -19.49
N GLU A 153 3.12 -9.98 -20.54
CA GLU A 153 2.65 -10.15 -21.90
C GLU A 153 2.30 -11.60 -22.20
N THR A 154 1.01 -11.85 -22.42
CA THR A 154 0.52 -13.18 -22.76
C THR A 154 0.83 -13.39 -24.25
N GLY A 155 0.76 -14.64 -24.71
CA GLY A 155 1.02 -14.99 -26.11
C GLY A 155 0.22 -14.15 -27.07
N ASP A 156 -1.11 -14.00 -26.78
CA ASP A 156 -2.06 -13.17 -27.55
C ASP A 156 -1.73 -11.68 -27.50
N ASP A 157 -1.24 -11.16 -26.34
CA ASP A 157 -0.79 -9.78 -26.22
C ASP A 157 0.37 -9.55 -27.20
N TYR A 158 1.35 -10.47 -27.27
CA TYR A 158 2.47 -10.33 -28.20
C TYR A 158 1.97 -10.24 -29.65
N ARG A 159 1.19 -11.26 -30.09
CA ARG A 159 0.62 -11.38 -31.43
C ARG A 159 -0.17 -10.13 -31.85
N ASN A 160 -1.10 -9.69 -31.00
CA ASN A 160 -1.99 -8.56 -31.28
C ASN A 160 -1.42 -7.16 -31.05
N ILE A 161 -0.64 -6.95 -29.96
CA ILE A 161 -0.14 -5.62 -29.58
C ILE A 161 1.34 -5.41 -29.88
N THR A 162 2.23 -6.21 -29.24
CA THR A 162 3.68 -6.06 -29.32
C THR A 162 4.22 -6.20 -30.73
N LEU A 163 3.96 -7.33 -31.39
CA LEU A 163 4.43 -7.67 -32.75
C LEU A 163 4.05 -6.60 -33.76
N PRO A 164 2.77 -6.14 -33.87
CA PRO A 164 2.48 -5.04 -34.81
C PRO A 164 3.20 -3.73 -34.47
N HIS A 165 3.37 -3.41 -33.15
CA HIS A 165 4.07 -2.20 -32.71
C HIS A 165 5.53 -2.22 -33.16
N LEU A 166 6.18 -3.37 -32.95
CA LEU A 166 7.54 -3.67 -33.33
C LEU A 166 7.70 -3.48 -34.83
N GLU A 167 6.75 -4.06 -35.60
CA GLU A 167 6.69 -4.03 -37.06
C GLU A 167 6.50 -2.64 -37.62
N SER A 168 5.96 -1.71 -36.81
CA SER A 168 5.72 -0.31 -37.20
C SER A 168 7.03 0.41 -37.40
N GLN A 169 8.10 -0.07 -36.73
CA GLN A 169 9.49 0.35 -36.80
C GLN A 169 10.14 0.27 -35.46
N SER A 170 11.43 -0.07 -35.53
CA SER A 170 12.43 -0.21 -34.46
C SER A 170 13.82 0.21 -35.05
N LEU A 171 14.83 0.34 -34.17
CA LEU A 171 16.21 0.71 -34.48
C LEU A 171 16.81 0.10 -35.79
N SER A 172 17.76 0.86 -36.36
CA SER A 172 18.62 0.41 -37.43
C SER A 172 19.58 -0.51 -36.64
N ILE A 173 19.90 -1.67 -37.22
CA ILE A 173 20.70 -2.76 -36.63
C ILE A 173 21.96 -2.93 -37.55
N GLN A 174 22.33 -1.86 -38.29
CA GLN A 174 23.41 -1.88 -39.28
C GLN A 174 24.76 -2.23 -38.68
N TRP A 175 25.03 -1.79 -37.44
CA TRP A 175 26.27 -2.09 -36.72
C TRP A 175 26.42 -3.60 -36.51
N VAL A 176 25.27 -4.30 -36.31
CA VAL A 176 25.17 -5.75 -36.15
C VAL A 176 25.56 -6.38 -37.46
N TYR A 177 24.94 -5.93 -38.57
CA TYR A 177 25.20 -6.46 -39.91
C TYR A 177 26.64 -6.29 -40.30
N ASN A 178 27.22 -5.10 -40.01
CA ASN A 178 28.62 -4.79 -40.25
C ASN A 178 29.54 -5.80 -39.56
N ILE A 179 29.20 -6.20 -38.31
CA ILE A 179 30.00 -7.20 -37.59
C ILE A 179 29.93 -8.53 -38.32
N LEU A 180 28.71 -8.98 -38.65
CA LEU A 180 28.46 -10.24 -39.33
C LEU A 180 29.10 -10.35 -40.71
N ASP A 181 29.11 -9.27 -41.50
CA ASP A 181 29.74 -9.35 -42.82
C ASP A 181 31.19 -8.88 -42.82
N LYS A 182 31.81 -8.76 -41.63
CA LYS A 182 33.22 -8.36 -41.38
C LYS A 182 33.60 -6.93 -41.85
N LYS A 183 32.59 -6.08 -42.10
CA LYS A 183 32.79 -4.69 -42.51
C LYS A 183 33.27 -3.84 -41.31
N ALA A 184 33.14 -4.40 -40.09
CA ALA A 184 33.50 -3.75 -38.84
C ALA A 184 33.90 -4.78 -37.80
N GLU A 185 34.83 -4.36 -36.88
CA GLU A 185 35.31 -5.09 -35.72
C GLU A 185 35.81 -6.52 -36.03
N ALA A 186 36.23 -6.80 -37.28
CA ALA A 186 36.73 -8.11 -37.68
C ALA A 186 37.86 -8.60 -36.77
N ASP A 187 38.78 -7.68 -36.42
CA ASP A 187 39.95 -7.91 -35.56
C ASP A 187 39.58 -8.26 -34.11
N ARG A 188 38.33 -8.01 -33.71
CA ARG A 188 37.83 -8.22 -32.35
C ARG A 188 37.09 -9.56 -32.18
N ILE A 189 36.76 -10.26 -33.27
CA ILE A 189 36.01 -11.53 -33.17
C ILE A 189 36.79 -12.57 -32.37
N VAL A 190 36.18 -13.11 -31.31
CA VAL A 190 36.77 -14.15 -30.44
C VAL A 190 36.55 -15.61 -31.02
N PHE A 191 35.46 -15.80 -31.77
CA PHE A 191 35.14 -17.05 -32.45
C PHE A 191 34.03 -16.82 -33.45
N GLU A 192 34.04 -17.61 -34.53
CA GLU A 192 32.97 -17.56 -35.51
C GLU A 192 32.63 -18.95 -36.03
N ASN A 193 31.33 -19.23 -36.06
CA ASN A 193 30.79 -20.41 -36.70
C ASN A 193 30.13 -19.77 -37.91
N PRO A 194 30.70 -19.93 -39.13
CA PRO A 194 30.14 -19.22 -40.31
C PRO A 194 28.85 -19.79 -40.89
N ASP A 195 28.31 -20.91 -40.32
CA ASP A 195 27.09 -21.52 -40.83
C ASP A 195 26.03 -20.43 -40.99
N PRO A 196 25.48 -20.24 -42.21
CA PRO A 196 24.48 -19.18 -42.41
C PRO A 196 23.25 -19.31 -41.52
N SER A 197 22.93 -20.56 -41.09
CA SER A 197 21.73 -20.88 -40.34
C SER A 197 21.94 -21.11 -38.83
N ASP A 198 22.87 -22.02 -38.49
CA ASP A 198 23.17 -22.38 -37.11
C ASP A 198 24.44 -21.71 -36.59
N GLY A 199 25.03 -20.86 -37.42
CA GLY A 199 26.25 -20.13 -37.09
C GLY A 199 26.03 -18.83 -36.35
N PHE A 200 27.16 -18.30 -35.84
CA PHE A 200 27.22 -17.08 -35.03
C PHE A 200 28.64 -16.46 -35.02
N VAL A 201 28.72 -15.30 -34.36
CA VAL A 201 29.96 -14.52 -34.16
C VAL A 201 30.04 -14.11 -32.68
N LEU A 202 31.13 -14.47 -31.99
CA LEU A 202 31.37 -14.14 -30.59
C LEU A 202 32.37 -13.00 -30.56
N ILE A 203 31.93 -11.87 -29.99
CA ILE A 203 32.72 -10.63 -29.96
C ILE A 203 32.64 -9.95 -28.58
N PRO A 204 33.73 -9.29 -28.05
CA PRO A 204 33.58 -8.58 -26.78
C PRO A 204 32.61 -7.40 -27.01
N ASP A 205 31.66 -7.26 -26.11
CA ASP A 205 30.64 -6.23 -26.19
C ASP A 205 31.29 -4.89 -25.94
N LEU A 206 30.78 -3.85 -26.62
CA LEU A 206 31.18 -2.44 -26.51
C LEU A 206 31.28 -1.94 -25.02
N LYS A 207 30.43 -2.49 -24.09
CA LYS A 207 30.39 -2.13 -22.65
C LYS A 207 31.57 -2.76 -21.85
N TRP A 208 32.54 -3.41 -22.53
CA TRP A 208 33.71 -4.03 -21.90
C TRP A 208 35.04 -3.57 -22.52
N ASN A 209 35.90 -2.96 -21.66
CA ASN A 209 37.23 -2.42 -21.99
C ASN A 209 38.34 -3.48 -22.19
N GLN A 210 38.03 -4.76 -21.88
CA GLN A 210 38.91 -5.93 -22.02
C GLN A 210 40.19 -5.89 -21.18
N GLN A 211 40.33 -4.95 -20.23
CA GLN A 211 41.57 -4.89 -19.44
C GLN A 211 41.55 -5.74 -18.14
N GLN A 212 40.43 -6.41 -17.87
CA GLN A 212 40.22 -7.27 -16.69
C GLN A 212 39.08 -8.25 -16.93
N LEU A 213 39.15 -9.43 -16.29
CA LEU A 213 38.15 -10.50 -16.43
C LEU A 213 36.99 -10.34 -15.47
N ASP A 214 37.15 -9.49 -14.46
CA ASP A 214 36.14 -9.22 -13.43
C ASP A 214 34.74 -8.83 -13.99
N ASP A 215 34.73 -8.07 -15.10
CA ASP A 215 33.57 -7.57 -15.81
C ASP A 215 33.47 -8.12 -17.25
N LEU A 216 33.98 -9.36 -17.48
CA LEU A 216 33.96 -10.02 -18.79
C LEU A 216 32.54 -10.03 -19.35
N TYR A 217 32.33 -9.33 -20.50
CA TYR A 217 31.05 -9.20 -21.19
C TYR A 217 31.21 -9.43 -22.69
N LEU A 218 30.89 -10.62 -23.15
CA LEU A 218 30.99 -11.00 -24.55
C LEU A 218 29.59 -11.19 -25.06
N ILE A 219 29.39 -10.99 -26.38
CA ILE A 219 28.08 -11.20 -27.02
C ILE A 219 28.22 -12.12 -28.24
N ALA A 220 27.30 -13.06 -28.36
CA ALA A 220 27.22 -13.96 -29.49
C ALA A 220 26.06 -13.47 -30.34
N ILE A 221 26.34 -13.11 -31.59
CA ILE A 221 25.29 -12.64 -32.51
C ILE A 221 25.14 -13.71 -33.57
N CYS A 222 23.92 -14.20 -33.80
CA CYS A 222 23.67 -15.26 -34.79
C CYS A 222 23.80 -14.76 -36.22
N HIS A 223 24.29 -15.60 -37.13
CA HIS A 223 24.44 -15.19 -38.53
C HIS A 223 23.07 -15.05 -39.19
N ARG A 224 22.14 -15.95 -38.85
CA ARG A 224 20.82 -15.99 -39.41
C ARG A 224 19.97 -14.75 -39.08
N ARG A 225 19.36 -14.16 -40.11
CA ARG A 225 18.50 -12.97 -40.01
C ARG A 225 17.03 -13.33 -39.76
N GLY A 226 16.30 -12.46 -39.08
CA GLY A 226 14.88 -12.68 -38.80
C GLY A 226 14.46 -13.21 -37.44
N ILE A 227 15.42 -13.66 -36.59
CA ILE A 227 15.08 -14.14 -35.23
C ILE A 227 15.16 -12.91 -34.38
N ARG A 228 14.06 -12.18 -34.28
CA ARG A 228 14.05 -10.89 -33.58
C ARG A 228 14.27 -11.03 -32.08
N SER A 229 13.61 -12.02 -31.46
CA SER A 229 13.66 -12.21 -30.02
C SER A 229 13.26 -13.62 -29.66
N LEU A 230 13.21 -13.86 -28.33
CA LEU A 230 12.74 -15.06 -27.63
C LEU A 230 11.40 -15.57 -28.21
N ARG A 231 10.48 -14.65 -28.59
CA ARG A 231 9.17 -14.99 -29.15
C ARG A 231 9.24 -15.72 -30.48
N ASP A 232 10.31 -15.50 -31.27
CA ASP A 232 10.50 -16.15 -32.58
C ASP A 232 11.06 -17.59 -32.46
N LEU A 233 11.49 -18.00 -31.25
CA LEU A 233 12.14 -19.28 -31.01
C LEU A 233 11.20 -20.49 -30.99
N THR A 234 11.56 -21.49 -31.82
CA THR A 234 10.88 -22.78 -31.99
C THR A 234 11.95 -23.89 -32.01
N PRO A 235 11.59 -25.20 -31.93
CA PRO A 235 12.62 -26.26 -31.98
C PRO A 235 13.60 -26.23 -33.16
N GLU A 236 13.25 -25.55 -34.26
CA GLU A 236 14.17 -25.48 -35.39
C GLU A 236 15.44 -24.70 -35.04
N HIS A 237 15.35 -23.79 -34.03
CA HIS A 237 16.46 -22.96 -33.55
C HIS A 237 17.34 -23.68 -32.52
N LEU A 238 16.99 -24.92 -32.13
CA LEU A 238 17.77 -25.66 -31.14
C LEU A 238 19.25 -25.86 -31.54
N PRO A 239 19.59 -26.31 -32.78
CA PRO A 239 21.01 -26.42 -33.15
C PRO A 239 21.79 -25.10 -33.02
N LEU A 240 21.18 -23.97 -33.40
CA LEU A 240 21.73 -22.61 -33.26
C LEU A 240 21.94 -22.26 -31.79
N LEU A 241 20.94 -22.52 -30.97
CA LEU A 241 21.02 -22.19 -29.56
C LEU A 241 22.05 -23.02 -28.83
N ARG A 242 22.14 -24.33 -29.20
CA ARG A 242 23.12 -25.25 -28.61
C ARG A 242 24.51 -24.85 -29.03
N ASN A 243 24.65 -24.39 -30.30
CA ASN A 243 25.92 -23.92 -30.86
C ASN A 243 26.42 -22.69 -30.17
N ILE A 244 25.52 -21.78 -29.79
CA ILE A 244 25.93 -20.58 -29.04
C ILE A 244 26.39 -20.97 -27.63
N LEU A 245 25.59 -21.79 -26.95
CA LEU A 245 25.85 -22.25 -25.58
C LEU A 245 27.21 -22.95 -25.46
N HIS A 246 27.40 -23.99 -26.27
CA HIS A 246 28.58 -24.80 -26.25
C HIS A 246 29.79 -24.14 -26.87
N GLN A 247 29.75 -23.85 -28.16
CA GLN A 247 30.88 -23.21 -28.85
C GLN A 247 31.30 -21.85 -28.22
N GLY A 248 30.33 -21.05 -27.79
CA GLY A 248 30.60 -19.77 -27.15
C GLY A 248 31.41 -19.89 -25.87
N GLN A 249 30.97 -20.77 -24.97
CA GLN A 249 31.65 -21.07 -23.71
C GLN A 249 33.05 -21.65 -23.92
N GLU A 250 33.20 -22.53 -24.94
CA GLU A 250 34.49 -23.13 -25.26
C GLU A 250 35.45 -22.11 -25.86
N ALA A 251 34.91 -21.03 -26.48
CA ALA A 251 35.71 -19.95 -27.04
C ALA A 251 36.24 -19.06 -25.90
N ILE A 252 35.35 -18.74 -24.91
CA ILE A 252 35.73 -17.96 -23.71
C ILE A 252 36.87 -18.71 -23.00
N LEU A 253 36.70 -20.03 -22.81
CA LEU A 253 37.70 -20.88 -22.17
C LEU A 253 39.04 -20.83 -22.87
N GLN A 254 39.05 -20.98 -24.21
CA GLN A 254 40.29 -20.93 -24.99
C GLN A 254 41.00 -19.57 -24.88
N ARG A 255 40.28 -18.50 -25.20
CA ARG A 255 40.78 -17.13 -25.28
C ARG A 255 41.12 -16.51 -23.93
N TYR A 256 40.17 -16.54 -22.99
CA TYR A 256 40.27 -15.90 -21.69
C TYR A 256 40.57 -16.85 -20.52
N ARG A 257 40.85 -18.17 -20.80
CA ARG A 257 41.11 -19.21 -19.77
C ARG A 257 40.04 -19.14 -18.67
N MET A 258 38.77 -18.95 -19.04
CA MET A 258 37.65 -18.81 -18.12
C MET A 258 36.64 -19.96 -18.27
N LYS A 259 36.55 -20.79 -17.23
CA LYS A 259 35.64 -21.93 -17.19
C LYS A 259 34.18 -21.47 -17.23
N GLY A 260 33.33 -22.32 -17.80
CA GLY A 260 31.91 -22.09 -17.94
C GLY A 260 31.20 -21.84 -16.63
N ASP A 261 31.68 -22.45 -15.52
CA ASP A 261 31.06 -22.26 -14.20
C ASP A 261 31.32 -20.85 -13.63
N HIS A 262 32.18 -20.05 -14.31
CA HIS A 262 32.44 -18.67 -13.95
C HIS A 262 31.56 -17.76 -14.85
N LEU A 263 30.71 -18.36 -15.71
CA LEU A 263 29.88 -17.62 -16.67
C LEU A 263 28.38 -17.72 -16.52
N ARG A 264 27.71 -16.59 -16.71
CA ARG A 264 26.27 -16.37 -16.74
C ARG A 264 25.93 -16.13 -18.25
N VAL A 265 25.24 -17.10 -18.90
CA VAL A 265 24.87 -17.05 -20.34
C VAL A 265 23.34 -16.87 -20.51
N TYR A 266 22.92 -15.66 -20.97
CA TYR A 266 21.51 -15.27 -21.04
C TYR A 266 21.07 -14.47 -22.27
N LEU A 267 19.73 -14.40 -22.46
CA LEU A 267 19.01 -13.63 -23.47
C LEU A 267 18.18 -12.58 -22.74
N HIS A 268 17.86 -11.51 -23.45
CA HIS A 268 17.04 -10.47 -22.89
C HIS A 268 15.64 -10.47 -23.49
N TYR A 269 14.61 -10.48 -22.62
CA TYR A 269 13.29 -10.29 -23.18
C TYR A 269 12.84 -8.87 -22.92
N LEU A 270 12.48 -8.40 -24.06
CA LEU A 270 12.38 -7.19 -24.76
C LEU A 270 13.79 -6.67 -24.91
N PRO A 271 14.45 -7.19 -25.97
CA PRO A 271 15.82 -6.78 -26.25
C PRO A 271 15.87 -5.36 -26.83
N SER A 272 17.04 -4.77 -26.82
CA SER A 272 17.24 -3.44 -27.37
C SER A 272 17.35 -3.48 -28.92
N TYR A 273 17.81 -4.62 -29.48
CA TYR A 273 18.02 -4.84 -30.92
C TYR A 273 17.29 -6.10 -31.28
N TYR A 274 16.41 -6.00 -32.26
CA TYR A 274 15.62 -7.17 -32.62
C TYR A 274 16.33 -8.07 -33.66
N HIS A 275 17.47 -8.63 -33.25
CA HIS A 275 18.30 -9.61 -33.94
C HIS A 275 18.92 -10.39 -32.79
N LEU A 276 18.49 -11.66 -32.61
CA LEU A 276 18.89 -12.55 -31.54
C LEU A 276 20.38 -12.45 -31.19
N HIS A 277 20.63 -12.28 -29.88
CA HIS A 277 21.96 -12.16 -29.32
C HIS A 277 22.00 -12.63 -27.90
N VAL A 278 23.07 -13.36 -27.54
CA VAL A 278 23.28 -14.00 -26.25
C VAL A 278 24.44 -13.32 -25.49
N HIS A 279 24.20 -12.99 -24.24
CA HIS A 279 25.19 -12.36 -23.40
C HIS A 279 25.94 -13.38 -22.58
N PHE A 280 27.27 -13.26 -22.57
CA PHE A 280 28.21 -14.09 -21.82
C PHE A 280 28.87 -13.19 -20.82
N THR A 281 28.43 -13.26 -19.55
CA THR A 281 28.98 -12.39 -18.52
C THR A 281 29.67 -13.13 -17.37
N ALA A 282 30.74 -12.53 -16.79
CA ALA A 282 31.42 -13.02 -15.60
C ALA A 282 30.37 -12.99 -14.47
N LEU A 283 30.16 -14.16 -13.83
CA LEU A 283 29.20 -14.41 -12.74
C LEU A 283 29.33 -13.39 -11.60
N GLY A 284 30.56 -13.00 -11.28
CA GLY A 284 30.84 -12.03 -10.23
C GLY A 284 30.44 -10.59 -10.56
N PHE A 285 30.18 -10.33 -11.85
CA PHE A 285 29.78 -9.04 -12.37
C PHE A 285 28.28 -8.87 -12.35
N GLU A 286 27.83 -7.84 -11.62
CA GLU A 286 26.41 -7.49 -11.58
C GLU A 286 26.09 -6.69 -12.82
N ALA A 287 26.12 -7.39 -13.97
CA ALA A 287 25.89 -6.89 -15.32
C ALA A 287 24.52 -6.18 -15.49
N PRO A 288 24.45 -5.13 -16.35
CA PRO A 288 23.16 -4.48 -16.59
C PRO A 288 22.28 -5.41 -17.44
N GLY A 289 21.11 -5.71 -16.87
CA GLY A 289 20.14 -6.59 -17.49
C GLY A 289 20.26 -8.04 -17.08
N SER A 290 21.10 -8.34 -16.08
CA SER A 290 21.22 -9.71 -15.58
C SER A 290 20.05 -10.08 -14.64
N GLY A 291 19.19 -9.08 -14.31
CA GLY A 291 18.01 -9.17 -13.46
C GLY A 291 16.93 -10.09 -13.99
N VAL A 292 16.20 -10.74 -13.09
CA VAL A 292 15.13 -11.71 -13.39
C VAL A 292 14.00 -11.12 -14.29
N GLU A 293 13.72 -9.79 -14.16
CA GLU A 293 12.70 -9.10 -14.95
C GLU A 293 13.07 -8.96 -16.44
N ARG A 294 14.28 -9.41 -16.88
CA ARG A 294 14.72 -9.29 -18.28
C ARG A 294 15.54 -10.49 -18.81
N ALA A 295 16.47 -11.02 -18.01
CA ALA A 295 17.34 -12.11 -18.40
C ALA A 295 16.66 -13.49 -18.39
N HIS A 296 17.00 -14.34 -19.39
CA HIS A 296 16.50 -15.71 -19.57
C HIS A 296 17.71 -16.53 -19.88
N LEU A 297 18.07 -17.50 -19.02
CA LEU A 297 19.26 -18.32 -19.24
C LEU A 297 19.14 -19.16 -20.51
N LEU A 298 20.22 -19.20 -21.33
CA LEU A 298 20.24 -19.99 -22.57
C LEU A 298 19.92 -21.47 -22.31
N ALA A 299 20.61 -22.09 -21.32
CA ALA A 299 20.40 -23.49 -20.98
C ALA A 299 18.91 -23.78 -20.76
N GLU A 300 18.23 -22.87 -20.02
CA GLU A 300 16.80 -22.95 -19.72
C GLU A 300 15.95 -22.75 -20.98
N VAL A 301 16.29 -21.77 -21.87
CA VAL A 301 15.58 -21.50 -23.15
C VAL A 301 15.59 -22.77 -24.00
N ILE A 302 16.74 -23.44 -24.08
CA ILE A 302 16.91 -24.69 -24.83
C ILE A 302 16.01 -25.81 -24.26
N GLU A 303 16.09 -26.02 -22.93
CA GLU A 303 15.32 -27.05 -22.24
C GLU A 303 13.83 -26.83 -22.35
N ASN A 304 13.40 -25.55 -22.42
CA ASN A 304 11.98 -25.25 -22.57
C ASN A 304 11.52 -25.70 -23.94
N LEU A 305 12.30 -25.40 -25.00
CA LEU A 305 12.01 -25.80 -26.38
C LEU A 305 12.02 -27.35 -26.55
N GLU A 306 12.89 -28.04 -25.80
CA GLU A 306 13.00 -29.51 -25.82
C GLU A 306 11.77 -30.13 -25.15
N CYS A 307 11.14 -29.40 -24.21
CA CYS A 307 9.96 -29.87 -23.49
C CYS A 307 8.65 -29.47 -24.15
N ASP A 308 8.51 -28.18 -24.52
CA ASP A 308 7.32 -27.63 -25.13
C ASP A 308 7.73 -26.87 -26.37
N PRO A 309 7.53 -27.46 -27.58
CA PRO A 309 7.87 -26.75 -28.82
C PRO A 309 7.27 -25.36 -28.98
N ARG A 310 6.00 -25.20 -28.53
CA ARG A 310 5.24 -23.96 -28.66
C ARG A 310 5.42 -23.03 -27.44
N HIS A 311 6.36 -23.33 -26.54
CA HIS A 311 6.60 -22.56 -25.29
C HIS A 311 6.63 -21.05 -25.44
N TYR A 312 7.52 -20.50 -26.28
CA TYR A 312 7.70 -19.06 -26.37
C TYR A 312 6.64 -18.34 -27.18
N GLN A 313 5.81 -19.08 -27.89
CA GLN A 313 4.73 -18.52 -28.69
C GLN A 313 3.47 -18.40 -27.84
N GLN A 314 3.32 -19.32 -26.85
CA GLN A 314 2.14 -19.43 -25.97
C GLN A 314 2.31 -18.93 -24.52
N ARG A 315 3.50 -19.05 -23.92
CA ARG A 315 3.67 -18.68 -22.52
C ARG A 315 3.69 -17.14 -22.27
N THR A 316 3.36 -16.71 -21.03
CA THR A 316 3.30 -15.29 -20.61
C THR A 316 4.63 -14.83 -20.08
N LEU A 317 5.23 -13.87 -20.77
CA LEU A 317 6.56 -13.31 -20.43
C LEU A 317 6.43 -12.00 -19.63
N THR A 318 7.33 -11.83 -18.64
CA THR A 318 7.35 -10.66 -17.75
C THR A 318 8.57 -9.79 -18.07
N PHE A 319 8.35 -8.49 -18.23
CA PHE A 319 9.40 -7.51 -18.51
C PHE A 319 9.05 -6.09 -18.07
N ALA A 320 10.08 -5.22 -17.97
CA ALA A 320 9.89 -3.82 -17.59
C ALA A 320 9.97 -2.91 -18.81
N LEU A 321 9.21 -1.82 -18.79
CA LEU A 321 9.20 -0.83 -19.85
C LEU A 321 9.23 0.56 -19.22
N ARG A 322 9.80 1.53 -19.94
CA ARG A 322 9.84 2.90 -19.45
C ARG A 322 8.42 3.44 -19.47
N ALA A 323 8.02 4.20 -18.43
CA ALA A 323 6.67 4.74 -18.26
C ALA A 323 6.18 5.52 -19.51
N ASP A 324 7.10 6.22 -20.17
CA ASP A 324 6.87 7.01 -21.38
C ASP A 324 6.82 6.18 -22.68
N ASP A 325 7.09 4.84 -22.62
CA ASP A 325 7.09 3.97 -23.80
C ASP A 325 5.65 3.75 -24.31
N PRO A 326 5.37 3.99 -25.63
CA PRO A 326 4.00 3.80 -26.15
C PRO A 326 3.49 2.38 -26.06
N LEU A 327 4.40 1.38 -26.14
CA LEU A 327 4.06 -0.04 -26.01
C LEU A 327 3.46 -0.34 -24.62
N LEU A 328 3.95 0.36 -23.57
CA LEU A 328 3.45 0.17 -22.22
C LEU A 328 1.97 0.52 -22.15
N LYS A 329 1.59 1.72 -22.65
CA LYS A 329 0.21 2.20 -22.66
C LYS A 329 -0.67 1.24 -23.47
N LEU A 330 -0.19 0.83 -24.67
CA LEU A 330 -0.87 -0.08 -25.59
C LEU A 330 -1.30 -1.39 -24.92
N LEU A 331 -0.37 -2.03 -24.16
CA LEU A 331 -0.60 -3.28 -23.44
C LEU A 331 -1.54 -3.07 -22.24
N GLN A 332 -1.35 -1.94 -21.49
CA GLN A 332 -2.21 -1.58 -20.35
C GLN A 332 -3.64 -1.43 -20.81
N GLU A 333 -3.85 -0.66 -21.92
CA GLU A 333 -5.14 -0.41 -22.57
C GLU A 333 -5.79 -1.75 -22.99
N ALA A 334 -4.99 -2.66 -23.57
CA ALA A 334 -5.44 -3.96 -24.05
C ALA A 334 -5.84 -4.89 -22.90
N GLN A 335 -5.16 -4.78 -21.76
CA GLN A 335 -5.38 -5.65 -20.62
C GLN A 335 -6.57 -5.27 -19.73
N GLN A 336 -7.31 -4.18 -20.09
CA GLN A 336 -8.52 -3.73 -19.38
C GLN A 336 -9.64 -3.32 -20.33
N VAL B 40 47.44 14.18 4.23
CA VAL B 40 48.39 14.42 3.13
C VAL B 40 49.16 13.14 2.75
N ARG B 41 49.44 12.26 3.73
CA ARG B 41 50.16 11.00 3.50
C ARG B 41 49.54 9.84 4.29
N LEU B 42 50.02 8.61 4.01
CA LEU B 42 49.58 7.35 4.61
C LEU B 42 49.75 7.32 6.15
N PRO B 43 48.76 6.78 6.93
CA PRO B 43 48.94 6.68 8.39
C PRO B 43 49.84 5.51 8.80
N PHE B 44 50.51 4.90 7.80
CA PHE B 44 51.40 3.75 7.92
C PHE B 44 52.62 3.93 7.04
N SER B 45 53.71 3.18 7.36
CA SER B 45 54.99 3.16 6.65
C SER B 45 55.12 1.87 5.80
N GLY B 46 54.74 1.97 4.51
CA GLY B 46 54.79 0.86 3.56
C GLY B 46 53.56 -0.01 3.58
N PHE B 47 53.14 -0.44 2.37
CA PHE B 47 52.00 -1.31 2.14
C PHE B 47 52.49 -2.57 1.42
N ARG B 48 51.83 -3.71 1.67
CA ARG B 48 52.17 -4.99 1.05
C ARG B 48 50.87 -5.73 0.81
N LEU B 49 50.32 -5.67 -0.42
CA LEU B 49 49.07 -6.35 -0.75
C LEU B 49 49.17 -7.84 -0.50
N GLN B 50 48.33 -8.34 0.41
CA GLN B 50 48.27 -9.75 0.79
C GLN B 50 47.13 -10.44 0.02
N LYS B 51 45.93 -9.82 0.01
CA LYS B 51 44.76 -10.34 -0.67
C LYS B 51 43.83 -9.22 -1.11
N VAL B 52 43.17 -9.41 -2.28
CA VAL B 52 42.18 -8.48 -2.79
C VAL B 52 40.87 -9.00 -2.19
N LEU B 53 40.39 -8.33 -1.11
CA LEU B 53 39.19 -8.67 -0.35
C LEU B 53 37.94 -8.83 -1.21
N ARG B 54 37.60 -7.76 -1.94
CA ARG B 54 36.43 -7.62 -2.79
C ARG B 54 36.73 -6.58 -3.86
N GLU B 55 36.00 -6.67 -4.97
CA GLU B 55 36.06 -5.71 -6.06
C GLU B 55 34.71 -5.71 -6.78
N SER B 56 34.28 -4.54 -7.22
CA SER B 56 33.04 -4.37 -7.96
C SER B 56 33.41 -3.62 -9.23
N ALA B 57 33.47 -4.36 -10.35
CA ALA B 57 33.82 -3.81 -11.65
C ALA B 57 32.77 -2.80 -12.11
N ARG B 58 31.49 -3.04 -11.71
CA ARG B 58 30.32 -2.19 -11.97
C ARG B 58 30.44 -0.83 -11.24
N ASP B 59 30.74 -0.88 -9.93
CA ASP B 59 30.89 0.27 -9.03
C ASP B 59 32.26 0.97 -9.10
N LYS B 60 33.18 0.46 -9.95
CA LYS B 60 34.56 0.96 -10.14
C LYS B 60 35.25 1.18 -8.79
N ILE B 61 35.27 0.09 -7.98
CA ILE B 61 35.83 0.04 -6.64
C ILE B 61 36.64 -1.24 -6.38
N ILE B 62 37.67 -1.13 -5.52
CA ILE B 62 38.54 -2.22 -5.08
C ILE B 62 38.78 -2.16 -3.58
N PHE B 63 38.87 -3.33 -2.93
CA PHE B 63 39.10 -3.47 -1.50
C PHE B 63 40.38 -4.29 -1.32
N LEU B 64 41.40 -3.66 -0.75
CA LEU B 64 42.71 -4.30 -0.61
C LEU B 64 43.15 -4.51 0.83
N HIS B 65 43.52 -5.76 1.17
CA HIS B 65 44.06 -6.09 2.48
C HIS B 65 45.58 -6.04 2.34
N GLY B 66 46.24 -5.36 3.27
CA GLY B 66 47.69 -5.24 3.24
C GLY B 66 48.33 -5.22 4.61
N LYS B 67 49.54 -5.75 4.68
CA LYS B 67 50.34 -5.80 5.91
C LYS B 67 51.16 -4.51 5.90
N VAL B 68 50.96 -3.67 6.92
CA VAL B 68 51.65 -2.38 7.02
C VAL B 68 52.62 -2.38 8.21
N ASN B 69 53.75 -1.61 8.11
CA ASN B 69 54.82 -1.53 9.11
C ASN B 69 55.48 -2.90 9.34
N ASP B 79 47.46 -4.87 10.71
CA ASP B 79 46.98 -5.09 9.33
C ASP B 79 46.05 -3.97 8.89
N ALA B 80 46.26 -3.43 7.68
CA ALA B 80 45.43 -2.34 7.15
C ALA B 80 44.63 -2.69 5.89
N VAL B 81 43.45 -2.08 5.75
CA VAL B 81 42.57 -2.25 4.59
C VAL B 81 42.44 -0.92 3.83
N VAL B 82 42.72 -0.94 2.52
CA VAL B 82 42.62 0.26 1.68
C VAL B 82 41.55 0.10 0.61
N ILE B 83 40.53 0.98 0.63
CA ILE B 83 39.44 1.03 -0.34
C ILE B 83 39.73 2.15 -1.36
N LEU B 84 39.67 1.83 -2.66
CA LEU B 84 39.86 2.80 -3.76
C LEU B 84 38.60 2.82 -4.61
N GLU B 85 38.06 4.01 -4.85
CA GLU B 85 36.83 4.15 -5.62
C GLU B 85 37.00 5.29 -6.63
N LYS B 86 36.60 5.04 -7.90
CA LYS B 86 36.62 6.06 -8.95
C LYS B 86 35.52 7.05 -8.63
N THR B 87 35.75 8.34 -8.87
CA THR B 87 34.80 9.39 -8.53
C THR B 87 33.71 9.59 -9.60
N PRO B 88 32.46 9.95 -9.22
CA PRO B 88 31.43 10.21 -10.23
C PRO B 88 31.78 11.44 -11.08
N PHE B 89 31.38 11.44 -12.36
CA PHE B 89 31.62 12.56 -13.28
C PHE B 89 30.88 13.84 -12.85
N GLN B 90 31.60 14.97 -12.82
CA GLN B 90 31.00 16.26 -12.49
C GLN B 90 30.58 16.96 -13.78
N VAL B 91 29.25 16.91 -14.05
CA VAL B 91 28.50 17.45 -15.19
C VAL B 91 29.19 18.63 -15.90
N GLU B 92 29.49 19.67 -15.13
CA GLU B 92 30.14 20.93 -15.49
C GLU B 92 31.52 20.73 -16.14
N GLN B 93 32.48 20.13 -15.38
CA GLN B 93 33.87 19.87 -15.77
C GLN B 93 33.93 19.03 -17.03
N VAL B 94 33.09 17.98 -17.09
CA VAL B 94 33.03 17.08 -18.23
C VAL B 94 32.54 17.85 -19.46
N ALA B 95 31.44 18.64 -19.34
CA ALA B 95 30.89 19.48 -20.44
C ALA B 95 31.97 20.40 -20.99
N GLN B 96 32.56 21.19 -20.09
CA GLN B 96 33.68 22.10 -20.29
C GLN B 96 34.81 21.39 -21.07
N LEU B 97 35.24 20.20 -20.60
CA LEU B 97 36.32 19.42 -21.22
C LEU B 97 36.01 19.00 -22.66
N LEU B 98 34.83 18.40 -22.90
CA LEU B 98 34.35 17.92 -24.21
C LEU B 98 34.18 19.06 -25.22
N THR B 99 34.01 20.28 -24.73
CA THR B 99 33.87 21.45 -25.59
C THR B 99 35.26 22.08 -25.91
N GLY B 100 36.32 21.28 -25.71
CA GLY B 100 37.73 21.58 -25.95
C GLY B 100 38.44 20.34 -26.46
N SER B 101 39.46 20.51 -27.30
CA SER B 101 40.18 19.40 -27.92
C SER B 101 40.92 18.49 -26.91
N PRO B 102 40.44 17.22 -26.74
CA PRO B 102 41.06 16.32 -25.77
C PRO B 102 42.04 15.31 -26.37
N GLU B 103 42.65 14.48 -25.48
CA GLU B 103 43.57 13.42 -25.85
C GLU B 103 42.75 12.12 -25.95
N LEU B 104 42.44 11.70 -27.21
CA LEU B 104 41.66 10.48 -27.49
C LEU B 104 42.48 9.42 -28.24
N GLN B 105 42.11 8.15 -28.02
CA GLN B 105 42.74 6.99 -28.63
C GLN B 105 41.57 6.12 -29.11
N LEU B 106 41.32 6.09 -30.44
CA LEU B 106 40.23 5.28 -30.98
C LEU B 106 40.44 3.80 -30.74
N GLN B 107 39.56 3.20 -29.89
CA GLN B 107 39.55 1.76 -29.61
C GLN B 107 39.07 1.12 -30.93
N PHE B 108 37.76 1.26 -31.27
CA PHE B 108 37.20 0.79 -32.55
C PHE B 108 36.08 1.69 -33.08
N SER B 109 35.79 1.52 -34.37
CA SER B 109 34.75 2.24 -35.08
C SER B 109 33.80 1.23 -35.70
N ASN B 110 32.49 1.51 -35.64
CA ASN B 110 31.46 0.68 -36.25
C ASN B 110 30.23 1.55 -36.54
N ASP B 111 30.01 1.89 -37.83
CA ASP B 111 28.90 2.71 -38.29
C ASP B 111 28.89 4.08 -37.55
N ILE B 112 27.75 4.50 -37.00
CA ILE B 112 27.58 5.78 -36.29
C ILE B 112 28.24 5.75 -34.92
N TYR B 113 28.61 4.55 -34.48
CA TYR B 113 29.20 4.26 -33.19
C TYR B 113 30.74 4.19 -33.26
N SER B 114 31.42 4.78 -32.26
CA SER B 114 32.89 4.78 -32.09
C SER B 114 33.29 4.89 -30.61
N THR B 115 34.27 4.07 -30.20
CA THR B 115 34.79 4.04 -28.81
C THR B 115 36.22 4.54 -28.72
N TYR B 116 36.51 5.28 -27.66
CA TYR B 116 37.78 5.96 -27.44
C TYR B 116 38.31 5.77 -26.02
N HIS B 117 39.57 6.18 -25.80
CA HIS B 117 40.22 6.20 -24.49
C HIS B 117 40.60 7.66 -24.22
N LEU B 118 39.94 8.27 -23.22
CA LEU B 118 40.14 9.66 -22.85
C LEU B 118 41.06 9.78 -21.63
N PHE B 119 41.99 10.73 -21.69
CA PHE B 119 42.92 11.05 -20.60
C PHE B 119 42.66 12.51 -20.19
N PRO B 120 41.83 12.72 -19.15
CA PRO B 120 41.48 14.11 -18.75
C PRO B 120 42.49 14.79 -17.83
N PRO B 121 42.35 16.10 -17.50
CA PRO B 121 43.32 16.74 -16.60
C PRO B 121 43.16 16.28 -15.13
N ARG B 122 44.13 16.69 -14.26
CA ARG B 122 44.21 16.37 -12.82
C ARG B 122 42.86 16.37 -12.08
N GLN B 123 42.06 17.44 -12.31
CA GLN B 123 40.75 17.73 -11.72
C GLN B 123 39.76 16.57 -11.84
N LEU B 124 39.65 16.02 -13.07
CA LEU B 124 38.74 14.94 -13.46
C LEU B 124 39.35 13.54 -13.18
N ASN B 125 40.54 13.50 -12.55
CA ASN B 125 41.29 12.28 -12.22
C ASN B 125 41.32 11.96 -10.70
N ASP B 126 40.30 12.42 -9.96
CA ASP B 126 40.23 12.17 -8.53
C ASP B 126 39.87 10.71 -8.21
N VAL B 127 40.45 10.16 -7.11
CA VAL B 127 40.21 8.79 -6.64
C VAL B 127 39.94 8.82 -5.12
N LYS B 128 38.76 8.30 -4.69
CA LYS B 128 38.35 8.23 -3.28
C LYS B 128 39.16 7.10 -2.58
N THR B 129 39.98 7.46 -1.57
CA THR B 129 40.83 6.51 -0.84
C THR B 129 40.44 6.41 0.65
N THR B 130 39.98 5.25 1.09
CA THR B 130 39.64 5.04 2.49
C THR B 130 40.63 4.06 3.10
N VAL B 131 41.22 4.40 4.26
CA VAL B 131 42.22 3.58 4.94
C VAL B 131 41.73 3.14 6.34
N VAL B 132 41.73 1.82 6.60
CA VAL B 132 41.31 1.21 7.86
C VAL B 132 42.56 0.65 8.58
N TYR B 133 43.13 1.42 9.51
CA TYR B 133 44.33 0.99 10.25
C TYR B 133 44.25 1.30 11.76
N PRO B 134 44.26 0.26 12.64
CA PRO B 134 44.34 -1.18 12.37
C PRO B 134 43.02 -1.84 12.00
N ALA B 135 43.08 -2.99 11.33
CA ALA B 135 41.94 -3.80 10.91
C ALA B 135 42.20 -5.26 11.35
N THR B 136 41.27 -5.86 12.11
CA THR B 136 41.38 -7.25 12.59
C THR B 136 40.76 -8.25 11.59
N GLU B 137 40.62 -9.54 11.99
CA GLU B 137 40.02 -10.60 11.17
C GLU B 137 38.53 -10.33 10.93
N LYS B 138 37.82 -9.78 11.95
CA LYS B 138 36.40 -9.43 11.89
C LYS B 138 36.15 -8.25 10.94
N HIS B 139 37.16 -7.38 10.78
CA HIS B 139 37.12 -6.23 9.87
C HIS B 139 37.25 -6.75 8.42
N LEU B 140 38.05 -7.83 8.21
CA LEU B 140 38.27 -8.48 6.91
C LEU B 140 37.06 -9.32 6.51
N GLN B 141 36.39 -9.89 7.52
CA GLN B 141 35.19 -10.73 7.46
C GLN B 141 34.04 -10.03 6.73
N LYS B 142 33.79 -8.72 7.06
CA LYS B 142 32.71 -7.92 6.45
C LYS B 142 32.96 -7.61 4.95
N TYR B 143 34.25 -7.51 4.54
CA TYR B 143 34.63 -7.23 3.16
C TYR B 143 35.04 -8.50 2.38
N LEU B 144 34.90 -9.70 3.01
CA LEU B 144 35.23 -11.00 2.41
C LEU B 144 34.24 -11.37 1.31
N ARG B 145 34.71 -11.41 0.06
CA ARG B 145 33.89 -11.75 -1.10
C ARG B 145 34.36 -13.05 -1.70
N GLN B 146 33.57 -14.11 -1.48
CA GLN B 146 33.89 -15.45 -1.97
C GLN B 146 33.59 -15.63 -3.46
N ASP B 147 34.48 -16.40 -4.12
CA ASP B 147 34.38 -16.71 -5.54
C ASP B 147 33.18 -17.62 -5.72
N LEU B 148 32.26 -17.23 -6.61
CA LEU B 148 31.06 -17.99 -6.89
C LEU B 148 31.22 -18.84 -8.13
N ARG B 149 30.63 -20.03 -8.09
CA ARG B 149 30.65 -20.98 -9.20
C ARG B 149 29.24 -21.36 -9.53
N LEU B 150 28.98 -21.61 -10.79
CA LEU B 150 27.64 -21.97 -11.22
C LEU B 150 27.42 -23.47 -11.29
N ILE B 151 26.20 -23.93 -10.98
CA ILE B 151 25.86 -25.33 -11.10
C ILE B 151 24.43 -25.50 -11.65
N ARG B 152 24.24 -26.55 -12.45
CA ARG B 152 22.94 -26.91 -13.01
C ARG B 152 22.51 -28.22 -12.37
N GLU B 153 21.57 -28.12 -11.41
CA GLU B 153 21.05 -29.26 -10.64
C GLU B 153 19.81 -29.86 -11.26
N THR B 154 19.88 -31.12 -11.65
CA THR B 154 18.70 -31.80 -12.16
C THR B 154 17.86 -32.31 -10.96
N GLY B 155 16.66 -32.76 -11.23
CA GLY B 155 15.78 -33.36 -10.23
C GLY B 155 16.47 -34.51 -9.52
N ASP B 156 17.16 -35.41 -10.29
CA ASP B 156 17.89 -36.52 -9.69
C ASP B 156 19.08 -36.05 -8.87
N ASP B 157 19.77 -34.98 -9.30
CA ASP B 157 20.87 -34.40 -8.51
C ASP B 157 20.33 -33.91 -7.16
N TYR B 158 19.18 -33.20 -7.16
CA TYR B 158 18.58 -32.74 -5.93
C TYR B 158 18.28 -33.90 -4.96
N ARG B 159 17.51 -34.90 -5.45
CA ARG B 159 17.08 -36.10 -4.71
C ARG B 159 18.28 -36.84 -4.12
N ASN B 160 19.30 -37.14 -4.94
CA ASN B 160 20.48 -37.92 -4.55
C ASN B 160 21.58 -37.16 -3.81
N ILE B 161 21.90 -35.92 -4.20
CA ILE B 161 23.02 -35.16 -3.65
C ILE B 161 22.60 -34.05 -2.70
N THR B 162 21.84 -33.04 -3.20
CA THR B 162 21.46 -31.84 -2.46
C THR B 162 20.65 -32.14 -1.21
N LEU B 163 19.49 -32.81 -1.37
CA LEU B 163 18.56 -33.15 -0.30
C LEU B 163 19.27 -33.90 0.86
N PRO B 164 20.03 -35.01 0.62
CA PRO B 164 20.74 -35.66 1.73
C PRO B 164 21.78 -34.76 2.40
N HIS B 165 22.50 -33.91 1.62
CA HIS B 165 23.51 -32.99 2.15
C HIS B 165 22.88 -31.97 3.10
N LEU B 166 21.76 -31.33 2.70
CA LEU B 166 21.12 -30.37 3.59
C LEU B 166 20.49 -31.08 4.80
N GLU B 167 20.04 -32.35 4.62
CA GLU B 167 19.51 -33.14 5.73
C GLU B 167 20.58 -33.47 6.76
N SER B 168 21.86 -33.53 6.34
CA SER B 168 22.98 -33.83 7.23
C SER B 168 23.24 -32.64 8.20
N GLN B 169 22.96 -31.40 7.75
CA GLN B 169 23.17 -30.20 8.54
C GLN B 169 21.95 -29.83 9.39
N SER B 170 22.16 -29.27 10.58
CA SER B 170 21.02 -28.83 11.36
C SER B 170 20.87 -27.31 11.36
N LEU B 171 20.45 -26.78 10.18
CA LEU B 171 20.19 -25.35 9.96
C LEU B 171 18.92 -25.04 10.80
N SER B 172 19.11 -24.42 11.99
CA SER B 172 17.98 -24.06 12.85
C SER B 172 17.27 -22.87 12.24
N ILE B 173 15.94 -22.88 12.25
CA ILE B 173 15.15 -21.77 11.72
C ILE B 173 14.17 -21.29 12.78
N GLN B 174 14.62 -21.28 14.03
CA GLN B 174 13.82 -20.88 15.16
C GLN B 174 13.39 -19.40 15.09
N TRP B 175 14.27 -18.54 14.55
CA TRP B 175 13.99 -17.11 14.37
C TRP B 175 12.78 -16.89 13.44
N VAL B 176 12.63 -17.80 12.45
CA VAL B 176 11.53 -17.83 11.49
C VAL B 176 10.26 -18.19 12.25
N TYR B 177 10.33 -19.28 13.07
CA TYR B 177 9.19 -19.74 13.85
C TYR B 177 8.72 -18.69 14.82
N ASN B 178 9.67 -17.99 15.49
CA ASN B 178 9.38 -16.88 16.40
C ASN B 178 8.58 -15.79 15.70
N ILE B 179 8.90 -15.49 14.42
CA ILE B 179 8.15 -14.49 13.64
C ILE B 179 6.71 -14.97 13.45
N LEU B 180 6.56 -16.21 12.99
CA LEU B 180 5.26 -16.83 12.73
C LEU B 180 4.36 -16.97 13.96
N ASP B 181 4.92 -17.32 15.13
CA ASP B 181 4.07 -17.42 16.31
C ASP B 181 4.03 -16.12 17.14
N LYS B 182 4.43 -14.97 16.53
CA LYS B 182 4.45 -13.61 17.08
C LYS B 182 5.32 -13.42 18.35
N LYS B 183 6.25 -14.34 18.61
CA LYS B 183 7.17 -14.24 19.74
C LYS B 183 8.27 -13.18 19.46
N ALA B 184 8.39 -12.76 18.17
CA ALA B 184 9.36 -11.80 17.68
C ALA B 184 8.80 -11.01 16.49
N GLU B 185 9.26 -9.75 16.35
CA GLU B 185 8.92 -8.80 15.28
C GLU B 185 7.40 -8.59 15.03
N ALA B 186 6.57 -8.84 16.06
CA ALA B 186 5.11 -8.69 15.95
C ALA B 186 4.72 -7.29 15.49
N ASP B 187 5.44 -6.27 16.00
CA ASP B 187 5.25 -4.84 15.68
C ASP B 187 5.57 -4.47 14.25
N ARG B 188 6.24 -5.37 13.52
CA ARG B 188 6.67 -5.12 12.15
C ARG B 188 5.73 -5.74 11.12
N ILE B 189 4.77 -6.59 11.55
CA ILE B 189 3.90 -7.26 10.59
C ILE B 189 3.03 -6.26 9.82
N VAL B 190 3.19 -6.24 8.49
CA VAL B 190 2.45 -5.36 7.58
C VAL B 190 1.09 -6.02 7.23
N PHE B 191 1.12 -7.33 6.99
CA PHE B 191 -0.08 -8.09 6.67
C PHE B 191 0.10 -9.54 7.08
N GLU B 192 -0.98 -10.19 7.44
CA GLU B 192 -0.98 -11.61 7.79
C GLU B 192 -2.26 -12.30 7.34
N ASN B 193 -2.09 -13.43 6.71
CA ASN B 193 -3.16 -14.34 6.38
C ASN B 193 -2.88 -15.46 7.39
N PRO B 194 -3.70 -15.64 8.45
CA PRO B 194 -3.36 -16.62 9.49
C PRO B 194 -3.63 -18.07 9.14
N ASP B 195 -4.18 -18.36 7.94
CA ASP B 195 -4.50 -19.74 7.53
C ASP B 195 -3.28 -20.61 7.79
N PRO B 196 -3.42 -21.69 8.59
CA PRO B 196 -2.27 -22.54 8.90
C PRO B 196 -1.61 -23.15 7.66
N SER B 197 -2.38 -23.32 6.58
CA SER B 197 -1.95 -23.99 5.37
C SER B 197 -1.63 -23.06 4.19
N ASP B 198 -2.60 -22.19 3.84
CA ASP B 198 -2.46 -21.27 2.72
C ASP B 198 -2.07 -19.85 3.16
N GLY B 199 -1.88 -19.68 4.46
CA GLY B 199 -1.53 -18.39 5.05
C GLY B 199 -0.06 -18.05 5.04
N PHE B 200 0.24 -16.77 5.28
CA PHE B 200 1.58 -16.19 5.33
C PHE B 200 1.62 -14.92 6.20
N VAL B 201 2.85 -14.40 6.45
CA VAL B 201 3.16 -13.17 7.19
C VAL B 201 4.06 -12.29 6.30
N LEU B 202 3.68 -11.01 6.15
CA LEU B 202 4.43 -10.05 5.34
C LEU B 202 5.08 -9.09 6.27
N ILE B 203 6.42 -9.18 6.37
CA ILE B 203 7.20 -8.29 7.22
C ILE B 203 8.18 -7.47 6.34
N PRO B 204 8.45 -6.18 6.61
CA PRO B 204 9.47 -5.49 5.79
C PRO B 204 10.84 -6.02 6.19
N ASP B 205 11.80 -6.01 5.26
CA ASP B 205 13.15 -6.48 5.57
C ASP B 205 13.77 -5.55 6.61
N LEU B 206 14.62 -6.12 7.49
CA LEU B 206 15.31 -5.35 8.51
C LEU B 206 16.31 -4.35 7.92
N LYS B 207 16.91 -4.68 6.74
CA LYS B 207 17.85 -3.78 6.05
C LYS B 207 17.14 -2.49 5.52
N TRP B 208 15.79 -2.59 5.29
CA TRP B 208 14.96 -1.44 4.85
C TRP B 208 14.52 -0.56 6.03
N ASN B 209 14.95 0.73 5.98
CA ASN B 209 14.70 1.80 6.97
C ASN B 209 13.28 2.40 6.92
N GLN B 210 12.48 2.02 5.91
CA GLN B 210 11.08 2.43 5.69
C GLN B 210 10.89 3.95 5.47
N GLN B 211 11.96 4.75 5.31
CA GLN B 211 11.79 6.20 5.14
C GLN B 211 11.61 6.66 3.68
N GLN B 212 11.66 5.71 2.72
CA GLN B 212 11.51 5.96 1.28
C GLN B 212 11.10 4.68 0.57
N LEU B 213 10.35 4.82 -0.51
CA LEU B 213 9.84 3.71 -1.29
C LEU B 213 10.82 3.23 -2.35
N ASP B 214 11.84 4.04 -2.64
CA ASP B 214 12.87 3.77 -3.65
C ASP B 214 13.56 2.39 -3.49
N ASP B 215 13.76 1.96 -2.23
CA ASP B 215 14.41 0.73 -1.81
C ASP B 215 13.43 -0.20 -1.01
N LEU B 216 12.12 -0.13 -1.32
CA LEU B 216 11.08 -0.95 -0.65
C LEU B 216 11.45 -2.44 -0.75
N TYR B 217 11.65 -3.11 0.39
CA TYR B 217 12.05 -4.52 0.49
C TYR B 217 11.24 -5.26 1.56
N LEU B 218 10.30 -6.11 1.11
CA LEU B 218 9.44 -6.89 2.02
C LEU B 218 9.57 -8.38 1.79
N ILE B 219 9.26 -9.18 2.83
CA ILE B 219 9.39 -10.64 2.75
C ILE B 219 8.18 -11.33 3.34
N ALA B 220 7.56 -12.20 2.52
CA ALA B 220 6.42 -13.02 2.93
C ALA B 220 6.92 -14.40 3.38
N ILE B 221 6.67 -14.78 4.63
CA ILE B 221 7.05 -16.10 5.15
C ILE B 221 5.74 -16.87 5.30
N CYS B 222 5.64 -18.08 4.71
CA CYS B 222 4.42 -18.88 4.82
C CYS B 222 4.22 -19.47 6.21
N HIS B 223 2.97 -19.63 6.64
CA HIS B 223 2.69 -20.19 7.98
C HIS B 223 3.00 -21.68 8.02
N ARG B 224 2.69 -22.37 6.93
CA ARG B 224 2.87 -23.81 6.80
C ARG B 224 4.31 -24.25 6.86
N ARG B 225 4.59 -25.29 7.66
CA ARG B 225 5.93 -25.85 7.86
C ARG B 225 6.25 -26.99 6.87
N GLY B 226 7.54 -27.14 6.54
CA GLY B 226 8.00 -28.20 5.64
C GLY B 226 8.25 -27.84 4.19
N ILE B 227 7.88 -26.61 3.72
CA ILE B 227 8.15 -26.22 2.32
C ILE B 227 9.52 -25.59 2.37
N ARG B 228 10.57 -26.40 2.23
CA ARG B 228 11.94 -25.90 2.34
C ARG B 228 12.34 -24.91 1.23
N SER B 229 11.97 -25.23 0.00
CA SER B 229 12.35 -24.43 -1.15
C SER B 229 11.43 -24.70 -2.33
N LEU B 230 11.78 -24.11 -3.47
CA LEU B 230 11.18 -24.24 -4.79
C LEU B 230 10.97 -25.74 -5.14
N ARG B 231 11.93 -26.63 -4.75
CA ARG B 231 11.89 -28.07 -5.00
C ARG B 231 10.70 -28.77 -4.36
N ASP B 232 10.21 -28.26 -3.23
CA ASP B 232 9.07 -28.84 -2.53
C ASP B 232 7.70 -28.43 -3.11
N LEU B 233 7.69 -27.47 -4.07
CA LEU B 233 6.47 -26.93 -4.66
C LEU B 233 5.77 -27.82 -5.68
N THR B 234 4.46 -28.04 -5.43
CA THR B 234 3.54 -28.82 -6.25
C THR B 234 2.23 -28.02 -6.41
N PRO B 235 1.28 -28.41 -7.30
CA PRO B 235 0.01 -27.67 -7.42
C PRO B 235 -0.78 -27.45 -6.14
N GLU B 236 -0.56 -28.25 -5.09
CA GLU B 236 -1.28 -28.06 -3.84
C GLU B 236 -0.90 -26.75 -3.17
N HIS B 237 0.29 -26.21 -3.50
CA HIS B 237 0.80 -24.94 -2.95
C HIS B 237 0.27 -23.72 -3.72
N LEU B 238 -0.50 -23.95 -4.82
CA LEU B 238 -1.03 -22.86 -5.65
C LEU B 238 -1.90 -21.86 -4.84
N PRO B 239 -2.87 -22.27 -3.99
CA PRO B 239 -3.60 -21.28 -3.18
C PRO B 239 -2.68 -20.42 -2.29
N LEU B 240 -1.65 -21.02 -1.63
CA LEU B 240 -0.66 -20.30 -0.80
C LEU B 240 0.17 -19.32 -1.66
N LEU B 241 0.62 -19.78 -2.84
CA LEU B 241 1.42 -18.98 -3.75
C LEU B 241 0.63 -17.84 -4.31
N ARG B 242 -0.64 -18.09 -4.67
CA ARG B 242 -1.53 -17.06 -5.20
C ARG B 242 -1.83 -16.03 -4.14
N ASN B 243 -1.97 -16.42 -2.84
CA ASN B 243 -2.22 -15.43 -1.77
C ASN B 243 -1.01 -14.57 -1.57
N ILE B 244 0.20 -15.19 -1.50
CA ILE B 244 1.43 -14.43 -1.31
C ILE B 244 1.55 -13.40 -2.40
N LEU B 245 1.23 -13.78 -3.64
CA LEU B 245 1.32 -12.91 -4.81
C LEU B 245 0.25 -11.82 -4.78
N HIS B 246 -1.03 -12.21 -4.71
CA HIS B 246 -2.15 -11.30 -4.76
C HIS B 246 -2.35 -10.54 -3.48
N GLN B 247 -2.58 -11.23 -2.34
CA GLN B 247 -2.75 -10.58 -1.03
C GLN B 247 -1.55 -9.67 -0.63
N GLY B 248 -0.32 -10.14 -0.89
CA GLY B 248 0.91 -9.42 -0.61
C GLY B 248 0.97 -8.10 -1.35
N GLN B 249 0.75 -8.13 -2.66
CA GLN B 249 0.73 -6.94 -3.52
C GLN B 249 -0.37 -5.95 -3.13
N GLU B 250 -1.57 -6.46 -2.76
CA GLU B 250 -2.69 -5.63 -2.35
C GLU B 250 -2.40 -4.95 -1.02
N ALA B 251 -1.59 -5.60 -0.14
CA ALA B 251 -1.18 -5.07 1.16
C ALA B 251 -0.16 -3.93 0.93
N ILE B 252 0.85 -4.14 0.01
CA ILE B 252 1.86 -3.14 -0.34
C ILE B 252 1.11 -1.89 -0.86
N LEU B 253 0.15 -2.09 -1.78
CA LEU B 253 -0.65 -1.02 -2.34
C LEU B 253 -1.35 -0.24 -1.27
N GLN B 254 -2.08 -0.91 -0.33
CA GLN B 254 -2.84 -0.22 0.71
C GLN B 254 -1.93 0.58 1.68
N ARG B 255 -0.92 -0.08 2.23
CA ARG B 255 0.00 0.45 3.22
C ARG B 255 0.96 1.50 2.67
N TYR B 256 1.68 1.15 1.58
CA TYR B 256 2.71 1.99 0.98
C TYR B 256 2.32 2.70 -0.31
N ARG B 257 1.05 2.65 -0.71
CA ARG B 257 0.59 3.33 -1.95
C ARG B 257 1.51 3.00 -3.15
N MET B 258 1.89 1.72 -3.26
CA MET B 258 2.78 1.24 -4.32
C MET B 258 2.13 0.19 -5.20
N LYS B 259 1.89 0.56 -6.47
CA LYS B 259 1.24 -0.30 -7.46
C LYS B 259 2.11 -1.52 -7.73
N GLY B 260 1.45 -2.64 -8.04
CA GLY B 260 2.09 -3.90 -8.36
C GLY B 260 3.07 -3.84 -9.51
N ASP B 261 2.81 -2.98 -10.50
CA ASP B 261 3.71 -2.84 -11.65
C ASP B 261 5.03 -2.15 -11.27
N HIS B 262 5.14 -1.64 -10.02
CA HIS B 262 6.38 -1.06 -9.50
C HIS B 262 7.11 -2.14 -8.66
N LEU B 263 6.57 -3.37 -8.62
CA LEU B 263 7.13 -4.45 -7.79
C LEU B 263 7.65 -5.66 -8.54
N ARG B 264 8.80 -6.16 -8.05
CA ARG B 264 9.49 -7.36 -8.50
C ARG B 264 9.25 -8.38 -7.36
N VAL B 265 8.44 -9.44 -7.61
CA VAL B 265 8.03 -10.47 -6.62
C VAL B 265 8.68 -11.82 -7.01
N TYR B 266 9.68 -12.26 -6.21
CA TYR B 266 10.49 -13.45 -6.51
C TYR B 266 10.86 -14.35 -5.32
N LEU B 267 11.30 -15.58 -5.66
CA LEU B 267 11.83 -16.60 -4.77
C LEU B 267 13.30 -16.80 -5.12
N HIS B 268 14.07 -17.29 -4.15
CA HIS B 268 15.48 -17.59 -4.36
C HIS B 268 15.71 -19.08 -4.44
N TYR B 269 16.39 -19.54 -5.51
CA TYR B 269 16.77 -20.92 -5.50
C TYR B 269 18.23 -21.01 -5.15
N LEU B 270 18.32 -21.86 -4.17
CA LEU B 270 19.13 -22.17 -3.05
C LEU B 270 19.03 -20.97 -2.14
N PRO B 271 17.96 -21.00 -1.32
CA PRO B 271 17.71 -19.89 -0.37
C PRO B 271 18.68 -19.95 0.82
N SER B 272 18.81 -18.81 1.56
CA SER B 272 19.66 -18.68 2.75
C SER B 272 19.14 -19.56 3.89
N TYR B 273 17.79 -19.75 4.01
CA TYR B 273 17.12 -20.62 4.97
C TYR B 273 16.02 -21.45 4.31
N TYR B 274 15.80 -22.66 4.80
CA TYR B 274 14.92 -23.64 4.16
C TYR B 274 13.53 -23.73 4.79
N HIS B 275 12.79 -22.61 4.66
CA HIS B 275 11.38 -22.39 4.98
C HIS B 275 10.95 -21.34 3.99
N LEU B 276 10.11 -21.72 3.01
CA LEU B 276 9.64 -20.91 1.90
C LEU B 276 9.40 -19.46 2.28
N HIS B 277 9.96 -18.54 1.48
CA HIS B 277 9.83 -17.09 1.64
C HIS B 277 9.96 -16.34 0.30
N VAL B 278 9.13 -15.34 0.07
CA VAL B 278 9.08 -14.57 -1.17
C VAL B 278 9.44 -13.13 -0.92
N HIS B 279 10.23 -12.53 -1.84
CA HIS B 279 10.74 -11.17 -1.77
C HIS B 279 9.93 -10.25 -2.62
N PHE B 280 9.53 -9.11 -2.05
CA PHE B 280 8.79 -8.02 -2.71
C PHE B 280 9.72 -6.79 -2.69
N THR B 281 10.29 -6.43 -3.83
CA THR B 281 11.20 -5.29 -3.90
C THR B 281 10.76 -4.32 -4.94
N ALA B 282 11.07 -3.04 -4.70
CA ALA B 282 10.86 -1.96 -5.62
C ALA B 282 11.70 -2.26 -6.87
N LEU B 283 11.05 -2.26 -8.05
CA LEU B 283 11.62 -2.52 -9.37
C LEU B 283 12.88 -1.70 -9.66
N GLY B 284 12.89 -0.45 -9.25
CA GLY B 284 14.02 0.44 -9.46
C GLY B 284 15.21 0.15 -8.57
N PHE B 285 15.01 -0.68 -7.54
CA PHE B 285 16.03 -1.09 -6.58
C PHE B 285 16.74 -2.34 -7.09
N GLU B 286 17.97 -2.14 -7.62
CA GLU B 286 18.83 -3.19 -8.18
C GLU B 286 19.76 -3.75 -7.09
N ALA B 287 19.87 -5.08 -6.99
CA ALA B 287 20.72 -5.75 -5.99
C ALA B 287 21.08 -7.21 -6.37
N PRO B 288 22.29 -7.74 -5.97
CA PRO B 288 22.55 -9.18 -6.17
C PRO B 288 21.47 -9.95 -5.38
N GLY B 289 20.92 -10.96 -6.00
CA GLY B 289 19.79 -11.69 -5.41
C GLY B 289 18.64 -11.56 -6.36
N SER B 290 18.46 -10.37 -6.96
CA SER B 290 17.42 -10.18 -7.98
C SER B 290 17.87 -10.74 -9.37
N GLY B 291 19.14 -11.19 -9.43
CA GLY B 291 19.80 -11.78 -10.60
C GLY B 291 19.21 -13.09 -11.05
N VAL B 292 19.31 -13.34 -12.35
CA VAL B 292 18.75 -14.51 -13.03
C VAL B 292 19.30 -15.85 -12.48
N GLU B 293 20.56 -15.85 -12.00
CA GLU B 293 21.19 -17.04 -11.44
C GLU B 293 20.58 -17.51 -10.10
N ARG B 294 19.61 -16.77 -9.53
CA ARG B 294 19.01 -17.10 -8.22
C ARG B 294 17.51 -16.79 -8.10
N ALA B 295 17.06 -15.63 -8.61
CA ALA B 295 15.65 -15.21 -8.54
C ALA B 295 14.73 -15.96 -9.52
N HIS B 296 13.52 -16.28 -9.06
CA HIS B 296 12.46 -16.97 -9.83
C HIS B 296 11.19 -16.21 -9.53
N LEU B 297 10.60 -15.55 -10.55
CA LEU B 297 9.37 -14.76 -10.36
C LEU B 297 8.21 -15.61 -9.86
N LEU B 298 7.48 -15.15 -8.82
CA LEU B 298 6.34 -15.87 -8.26
C LEU B 298 5.28 -16.14 -9.33
N ALA B 299 4.91 -15.11 -10.13
CA ALA B 299 3.92 -15.24 -11.22
C ALA B 299 4.29 -16.41 -12.15
N GLU B 300 5.58 -16.53 -12.51
CA GLU B 300 6.12 -17.58 -13.35
C GLU B 300 6.08 -18.93 -12.63
N VAL B 301 6.46 -18.99 -11.32
CA VAL B 301 6.41 -20.22 -10.50
C VAL B 301 4.99 -20.79 -10.51
N ILE B 302 4.01 -19.93 -10.29
CA ILE B 302 2.59 -20.28 -10.32
C ILE B 302 2.18 -20.87 -11.69
N GLU B 303 2.48 -20.14 -12.78
CA GLU B 303 2.16 -20.57 -14.14
C GLU B 303 2.83 -21.88 -14.53
N ASN B 304 4.05 -22.15 -14.00
CA ASN B 304 4.73 -23.41 -14.27
C ASN B 304 3.97 -24.54 -13.64
N LEU B 305 3.51 -24.36 -12.39
CA LEU B 305 2.73 -25.35 -11.64
C LEU B 305 1.37 -25.60 -12.24
N GLU B 306 0.79 -24.56 -12.86
CA GLU B 306 -0.50 -24.64 -13.53
C GLU B 306 -0.34 -25.46 -14.82
N CYS B 307 0.85 -25.46 -15.41
CA CYS B 307 1.13 -26.17 -16.66
C CYS B 307 1.67 -27.58 -16.46
N ASP B 308 2.68 -27.73 -15.60
CA ASP B 308 3.32 -28.99 -15.29
C ASP B 308 3.33 -29.20 -13.79
N PRO B 309 2.46 -30.09 -13.27
CA PRO B 309 2.44 -30.36 -11.83
C PRO B 309 3.78 -30.80 -11.23
N ARG B 310 4.54 -31.61 -11.99
CA ARG B 310 5.83 -32.17 -11.57
C ARG B 310 7.05 -31.28 -11.94
N HIS B 311 6.79 -30.03 -12.40
CA HIS B 311 7.83 -29.10 -12.85
C HIS B 311 9.05 -28.98 -11.94
N TYR B 312 8.87 -28.58 -10.68
CA TYR B 312 10.01 -28.32 -9.79
C TYR B 312 10.66 -29.55 -9.20
N GLN B 313 10.04 -30.71 -9.37
CA GLN B 313 10.58 -31.98 -8.89
C GLN B 313 11.49 -32.59 -9.96
N GLN B 314 11.17 -32.32 -11.26
CA GLN B 314 11.84 -32.87 -12.43
C GLN B 314 12.75 -31.93 -13.21
N ARG B 315 12.45 -30.64 -13.26
CA ARG B 315 13.24 -29.71 -14.09
C ARG B 315 14.62 -29.35 -13.47
N THR B 316 15.57 -28.91 -14.35
CA THR B 316 16.93 -28.60 -13.97
C THR B 316 17.07 -27.15 -13.62
N LEU B 317 17.41 -26.88 -12.35
CA LEU B 317 17.57 -25.53 -11.81
C LEU B 317 19.04 -25.09 -11.83
N THR B 318 19.27 -23.81 -12.16
CA THR B 318 20.60 -23.22 -12.23
C THR B 318 20.80 -22.25 -11.06
N PHE B 319 21.93 -22.38 -10.36
CA PHE B 319 22.26 -21.51 -9.23
C PHE B 319 23.77 -21.44 -9.00
N ALA B 320 24.18 -20.43 -8.20
CA ALA B 320 25.57 -20.21 -7.86
C ALA B 320 25.87 -20.69 -6.45
N LEU B 321 27.07 -21.21 -6.24
CA LEU B 321 27.54 -21.67 -4.94
C LEU B 321 28.94 -21.14 -4.71
N ARG B 322 29.31 -20.92 -3.45
CA ARG B 322 30.65 -20.44 -3.13
C ARG B 322 31.62 -21.58 -3.45
N ALA B 323 32.79 -21.24 -4.02
CA ALA B 323 33.80 -22.22 -4.46
C ALA B 323 34.19 -23.21 -3.36
N ASP B 324 34.25 -22.71 -2.10
CA ASP B 324 34.59 -23.45 -0.87
C ASP B 324 33.41 -24.29 -0.29
N ASP B 325 32.19 -24.20 -0.90
CA ASP B 325 31.01 -24.92 -0.43
C ASP B 325 31.14 -26.43 -0.74
N PRO B 326 30.99 -27.34 0.27
CA PRO B 326 31.12 -28.79 0.00
C PRO B 326 30.07 -29.35 -0.97
N LEU B 327 28.86 -28.74 -1.01
CA LEU B 327 27.79 -29.13 -1.91
C LEU B 327 28.21 -28.93 -3.38
N LEU B 328 29.02 -27.89 -3.67
CA LEU B 328 29.53 -27.63 -5.02
C LEU B 328 30.36 -28.82 -5.51
N LYS B 329 31.35 -29.25 -4.70
CA LYS B 329 32.24 -30.37 -5.03
C LYS B 329 31.41 -31.65 -5.21
N LEU B 330 30.48 -31.92 -4.27
CA LEU B 330 29.58 -33.07 -4.30
C LEU B 330 28.82 -33.23 -5.62
N LEU B 331 28.22 -32.12 -6.12
CA LEU B 331 27.48 -32.11 -7.38
C LEU B 331 28.43 -32.26 -8.60
N GLN B 332 29.61 -31.59 -8.56
CA GLN B 332 30.62 -31.65 -9.61
C GLN B 332 31.07 -33.11 -9.76
N GLU B 333 31.40 -33.77 -8.62
CA GLU B 333 31.82 -35.18 -8.53
C GLU B 333 30.75 -36.09 -9.12
N ALA B 334 29.48 -35.81 -8.80
CA ALA B 334 28.32 -36.59 -9.24
C ALA B 334 28.07 -36.44 -10.73
N GLN B 335 28.35 -35.25 -11.29
CA GLN B 335 28.08 -34.95 -12.69
C GLN B 335 29.15 -35.45 -13.68
N GLN B 336 30.20 -36.14 -13.18
CA GLN B 336 31.28 -36.77 -14.00
C GLN B 336 31.67 -38.15 -13.51
N PRO C 39 -56.12 -6.59 0.80
CA PRO C 39 -55.71 -7.89 1.36
C PRO C 39 -55.33 -8.92 0.28
N VAL C 40 -54.11 -9.50 0.40
CA VAL C 40 -53.50 -10.51 -0.50
C VAL C 40 -53.40 -9.96 -1.96
N ARG C 41 -52.27 -9.27 -2.28
CA ARG C 41 -52.04 -8.68 -3.60
C ARG C 41 -50.75 -9.16 -4.29
N LEU C 42 -50.74 -9.09 -5.65
CA LEU C 42 -49.69 -9.54 -6.58
C LEU C 42 -48.67 -8.44 -6.98
N PRO C 43 -47.38 -8.79 -7.26
CA PRO C 43 -46.42 -7.75 -7.68
C PRO C 43 -46.53 -7.48 -9.19
N PHE C 44 -45.44 -7.67 -9.97
CA PHE C 44 -45.43 -7.47 -11.42
C PHE C 44 -44.95 -8.73 -12.15
N SER C 45 -44.69 -8.63 -13.47
CA SER C 45 -44.23 -9.72 -14.31
C SER C 45 -42.76 -10.14 -14.01
N GLY C 46 -42.57 -10.84 -12.89
CA GLY C 46 -41.30 -11.39 -12.41
C GLY C 46 -40.23 -10.41 -12.01
N PHE C 47 -39.78 -10.46 -10.73
CA PHE C 47 -38.73 -9.57 -10.24
C PHE C 47 -37.36 -10.06 -10.65
N ARG C 48 -36.46 -9.13 -10.98
CA ARG C 48 -35.08 -9.40 -11.38
C ARG C 48 -34.23 -8.25 -10.86
N LEU C 49 -33.56 -8.43 -9.70
CA LEU C 49 -32.73 -7.38 -9.13
C LEU C 49 -31.63 -6.94 -10.08
N GLN C 50 -31.62 -5.64 -10.45
CA GLN C 50 -30.67 -5.01 -11.35
C GLN C 50 -29.64 -4.16 -10.57
N LYS C 51 -30.09 -3.42 -9.55
CA LYS C 51 -29.21 -2.59 -8.72
C LYS C 51 -29.78 -2.29 -7.33
N VAL C 52 -28.94 -2.43 -6.30
CA VAL C 52 -29.35 -2.11 -4.93
C VAL C 52 -29.14 -0.61 -4.82
N LEU C 53 -30.24 0.15 -4.93
CA LEU C 53 -30.25 1.61 -4.89
C LEU C 53 -29.69 2.19 -3.58
N ARG C 54 -30.11 1.64 -2.42
CA ARG C 54 -29.70 2.10 -1.08
C ARG C 54 -29.67 0.95 -0.09
N GLU C 55 -28.81 1.07 0.95
CA GLU C 55 -28.69 0.06 2.00
C GLU C 55 -28.34 0.67 3.37
N SER C 56 -29.38 1.06 4.14
CA SER C 56 -29.24 1.62 5.48
C SER C 56 -29.25 0.47 6.49
N ALA C 57 -28.06 0.08 6.96
CA ALA C 57 -27.88 -1.02 7.92
C ALA C 57 -28.41 -0.63 9.29
N ARG C 58 -28.28 0.67 9.65
CA ARG C 58 -28.76 1.29 10.89
C ARG C 58 -30.30 1.26 10.98
N ASP C 59 -30.98 1.71 9.92
CA ASP C 59 -32.44 1.79 9.77
C ASP C 59 -33.11 0.47 9.39
N LYS C 60 -32.33 -0.61 9.20
CA LYS C 60 -32.77 -1.97 8.80
C LYS C 60 -33.73 -1.88 7.59
N ILE C 61 -33.23 -1.23 6.52
CA ILE C 61 -33.97 -0.98 5.27
C ILE C 61 -33.08 -1.21 4.03
N ILE C 62 -33.71 -1.64 2.94
CA ILE C 62 -33.08 -1.89 1.64
C ILE C 62 -33.97 -1.33 0.50
N PHE C 63 -33.35 -0.75 -0.54
CA PHE C 63 -34.07 -0.19 -1.70
C PHE C 63 -33.55 -0.93 -2.94
N LEU C 64 -34.44 -1.70 -3.59
CA LEU C 64 -34.05 -2.55 -4.73
C LEU C 64 -34.69 -2.17 -6.05
N HIS C 65 -33.88 -2.18 -7.13
CA HIS C 65 -34.36 -1.94 -8.49
C HIS C 65 -34.51 -3.29 -9.21
N GLY C 66 -35.68 -3.50 -9.84
CA GLY C 66 -36.00 -4.72 -10.59
C GLY C 66 -36.27 -4.48 -12.06
N LYS C 67 -36.60 -5.57 -12.79
CA LYS C 67 -36.90 -5.53 -14.23
C LYS C 67 -38.09 -6.39 -14.63
N GLY C 77 -39.96 -8.06 -16.74
CA GLY C 77 -39.69 -7.37 -17.99
C GLY C 77 -40.23 -5.96 -18.06
N GLU C 78 -40.26 -5.27 -16.90
CA GLU C 78 -40.74 -3.90 -16.71
C GLU C 78 -40.11 -3.33 -15.41
N ASP C 79 -39.48 -2.13 -15.50
CA ASP C 79 -38.75 -1.49 -14.38
C ASP C 79 -39.64 -1.07 -13.20
N ALA C 80 -39.32 -1.58 -11.98
CA ALA C 80 -40.01 -1.33 -10.71
C ALA C 80 -39.06 -1.31 -9.50
N VAL C 81 -39.41 -0.56 -8.43
CA VAL C 81 -38.58 -0.38 -7.23
C VAL C 81 -39.26 -0.95 -5.99
N VAL C 82 -38.57 -1.83 -5.25
CA VAL C 82 -39.10 -2.44 -4.03
C VAL C 82 -38.31 -2.04 -2.79
N ILE C 83 -38.98 -1.40 -1.82
CA ILE C 83 -38.42 -0.99 -0.52
C ILE C 83 -38.85 -2.01 0.53
N LEU C 84 -37.88 -2.55 1.30
CA LEU C 84 -38.14 -3.50 2.40
C LEU C 84 -37.61 -2.89 3.68
N GLU C 85 -38.44 -2.83 4.72
CA GLU C 85 -38.05 -2.27 6.00
C GLU C 85 -38.48 -3.20 7.13
N LYS C 86 -37.56 -3.47 8.07
CA LYS C 86 -37.86 -4.31 9.24
C LYS C 86 -38.75 -3.48 10.13
N THR C 87 -39.70 -4.12 10.80
CA THR C 87 -40.68 -3.42 11.63
C THR C 87 -40.19 -3.11 13.05
N PRO C 88 -40.59 -1.95 13.65
CA PRO C 88 -40.17 -1.65 15.03
C PRO C 88 -40.83 -2.64 16.00
N PHE C 89 -40.12 -2.96 17.11
CA PHE C 89 -40.62 -3.91 18.11
C PHE C 89 -41.89 -3.46 18.82
N GLN C 90 -42.89 -4.35 18.91
CA GLN C 90 -44.14 -4.04 19.63
C GLN C 90 -43.98 -4.54 21.07
N VAL C 91 -43.79 -3.58 21.98
CA VAL C 91 -43.55 -3.70 23.43
C VAL C 91 -44.19 -4.95 24.08
N GLU C 92 -45.51 -5.12 23.94
CA GLU C 92 -46.30 -6.21 24.52
C GLU C 92 -45.95 -7.59 23.92
N GLN C 93 -45.91 -7.72 22.57
CA GLN C 93 -45.55 -8.97 21.85
C GLN C 93 -44.15 -9.48 22.21
N VAL C 94 -43.19 -8.55 22.34
CA VAL C 94 -41.79 -8.86 22.67
C VAL C 94 -41.66 -9.32 24.11
N ALA C 95 -42.23 -8.54 25.07
CA ALA C 95 -42.26 -8.88 26.49
C ALA C 95 -42.82 -10.29 26.63
N GLN C 96 -44.03 -10.55 26.07
CA GLN C 96 -44.76 -11.82 26.03
C GLN C 96 -43.91 -12.98 25.47
N LEU C 97 -43.13 -12.74 24.39
CA LEU C 97 -42.25 -13.73 23.77
C LEU C 97 -41.05 -14.13 24.65
N LEU C 98 -40.26 -13.15 25.14
CA LEU C 98 -39.08 -13.35 26.00
C LEU C 98 -39.43 -13.99 27.34
N THR C 99 -40.69 -13.85 27.73
CA THR C 99 -41.25 -14.38 28.95
C THR C 99 -41.87 -15.81 28.64
N GLY C 100 -41.27 -16.48 27.66
CA GLY C 100 -41.60 -17.82 27.18
C GLY C 100 -40.38 -18.42 26.51
N SER C 101 -40.14 -19.75 26.66
CA SER C 101 -38.95 -20.44 26.11
C SER C 101 -38.81 -20.34 24.57
N PRO C 102 -37.80 -19.58 24.08
CA PRO C 102 -37.68 -19.36 22.63
C PRO C 102 -36.59 -20.20 21.95
N GLU C 103 -36.43 -20.00 20.63
CA GLU C 103 -35.42 -20.63 19.79
C GLU C 103 -34.20 -19.71 19.71
N LEU C 104 -33.14 -20.02 20.50
CA LEU C 104 -31.92 -19.22 20.55
C LEU C 104 -30.68 -19.98 20.05
N GLN C 105 -29.70 -19.23 19.54
CA GLN C 105 -28.43 -19.71 19.02
C GLN C 105 -27.35 -18.81 19.62
N LEU C 106 -26.60 -19.31 20.62
CA LEU C 106 -25.58 -18.51 21.28
C LEU C 106 -24.46 -18.12 20.32
N GLN C 107 -24.45 -16.83 19.94
CA GLN C 107 -23.43 -16.23 19.05
C GLN C 107 -22.09 -16.21 19.79
N PHE C 108 -22.10 -15.85 21.12
CA PHE C 108 -20.96 -15.85 22.04
C PHE C 108 -21.36 -15.33 23.41
N SER C 109 -20.53 -15.65 24.43
CA SER C 109 -20.63 -15.19 25.81
C SER C 109 -19.26 -14.67 26.27
N ASN C 110 -19.29 -13.74 27.23
CA ASN C 110 -18.15 -13.04 27.81
C ASN C 110 -18.64 -12.39 29.10
N ASP C 111 -18.24 -12.96 30.24
CA ASP C 111 -18.58 -12.49 31.58
C ASP C 111 -20.14 -12.43 31.74
N ILE C 112 -20.70 -11.32 32.24
CA ILE C 112 -22.14 -11.10 32.47
C ILE C 112 -22.89 -10.88 31.14
N TYR C 113 -22.11 -10.74 30.07
CA TYR C 113 -22.61 -10.48 28.74
C TYR C 113 -22.68 -11.75 27.86
N SER C 114 -23.74 -11.88 27.01
CA SER C 114 -23.96 -13.00 26.08
C SER C 114 -24.90 -12.64 24.91
N THR C 115 -24.47 -12.90 23.66
CA THR C 115 -25.26 -12.63 22.44
C THR C 115 -25.85 -13.91 21.85
N TYR C 116 -27.08 -13.78 21.31
CA TYR C 116 -27.87 -14.87 20.72
C TYR C 116 -28.51 -14.47 19.39
N HIS C 117 -29.07 -15.46 18.68
CA HIS C 117 -29.84 -15.31 17.45
C HIS C 117 -31.25 -15.84 17.74
N LEU C 118 -32.24 -14.94 17.73
CA LEU C 118 -33.62 -15.28 18.03
C LEU C 118 -34.46 -15.40 16.77
N PHE C 119 -35.32 -16.45 16.72
CA PHE C 119 -36.25 -16.70 15.62
C PHE C 119 -37.67 -16.69 16.21
N PRO C 120 -38.36 -15.52 16.11
CA PRO C 120 -39.69 -15.39 16.72
C PRO C 120 -40.87 -15.91 15.87
N PRO C 121 -42.12 -15.96 16.40
CA PRO C 121 -43.25 -16.44 15.57
C PRO C 121 -43.66 -15.46 14.48
N ARG C 122 -44.57 -15.89 13.55
CA ARG C 122 -45.09 -15.13 12.41
C ARG C 122 -45.39 -13.64 12.68
N GLN C 123 -46.12 -13.31 13.78
CA GLN C 123 -46.54 -11.95 14.08
C GLN C 123 -45.38 -10.98 14.38
N LEU C 124 -44.28 -11.45 14.99
CA LEU C 124 -43.09 -10.63 15.26
C LEU C 124 -42.11 -10.62 14.05
N ASN C 125 -42.52 -11.25 12.93
CA ASN C 125 -41.75 -11.37 11.68
C ASN C 125 -42.30 -10.51 10.54
N ASP C 126 -42.99 -9.40 10.87
CA ASP C 126 -43.54 -8.51 9.86
C ASP C 126 -42.45 -7.70 9.16
N VAL C 127 -42.62 -7.46 7.84
CA VAL C 127 -41.70 -6.70 7.00
C VAL C 127 -42.52 -5.69 6.17
N LYS C 128 -42.21 -4.38 6.28
CA LYS C 128 -42.86 -3.30 5.54
C LYS C 128 -42.35 -3.33 4.07
N THR C 129 -43.25 -3.57 3.10
CA THR C 129 -42.91 -3.68 1.67
C THR C 129 -43.56 -2.59 0.84
N THR C 130 -42.79 -1.70 0.23
CA THR C 130 -43.33 -0.65 -0.63
C THR C 130 -42.90 -0.95 -2.07
N VAL C 131 -43.85 -0.94 -3.00
CA VAL C 131 -43.61 -1.24 -4.41
C VAL C 131 -43.96 -0.03 -5.30
N VAL C 132 -42.98 0.41 -6.13
CA VAL C 132 -43.12 1.53 -7.06
C VAL C 132 -43.15 0.97 -8.50
N TYR C 133 -44.37 0.79 -9.07
CA TYR C 133 -44.54 0.26 -10.42
C TYR C 133 -45.59 1.04 -11.24
N PRO C 134 -45.19 1.67 -12.37
CA PRO C 134 -43.83 1.75 -12.96
C PRO C 134 -42.96 2.83 -12.31
N ALA C 135 -41.63 2.69 -12.44
CA ALA C 135 -40.66 3.66 -11.91
C ALA C 135 -39.78 4.19 -13.05
N THR C 136 -39.71 5.53 -13.19
CA THR C 136 -38.97 6.20 -14.27
C THR C 136 -37.52 6.48 -13.88
N GLU C 137 -36.76 7.14 -14.79
CA GLU C 137 -35.37 7.52 -14.62
C GLU C 137 -35.23 8.56 -13.51
N LYS C 138 -36.25 9.45 -13.39
CA LYS C 138 -36.34 10.51 -12.38
C LYS C 138 -36.56 9.91 -11.01
N HIS C 139 -37.22 8.73 -10.95
CA HIS C 139 -37.46 8.00 -9.71
C HIS C 139 -36.37 6.95 -9.48
N LEU C 140 -35.54 6.69 -10.51
CA LEU C 140 -34.39 5.81 -10.42
C LEU C 140 -33.30 6.66 -9.73
N GLN C 141 -33.10 7.90 -10.24
CA GLN C 141 -32.12 8.90 -9.80
C GLN C 141 -32.35 9.49 -8.41
N LYS C 142 -33.63 9.68 -8.01
CA LYS C 142 -33.94 10.24 -6.68
C LYS C 142 -33.57 9.26 -5.57
N TYR C 143 -33.82 7.95 -5.80
CA TYR C 143 -33.53 6.89 -4.83
C TYR C 143 -32.09 6.33 -4.98
N LEU C 144 -31.32 6.84 -5.98
CA LEU C 144 -29.92 6.49 -6.28
C LEU C 144 -28.96 7.02 -5.22
N ARG C 145 -28.25 6.10 -4.54
CA ARG C 145 -27.27 6.44 -3.51
C ARG C 145 -25.94 5.74 -3.77
N GLN C 146 -24.98 6.51 -4.29
CA GLN C 146 -23.63 6.08 -4.70
C GLN C 146 -22.70 5.66 -3.55
N ASP C 147 -21.82 4.69 -3.87
CA ASP C 147 -20.79 4.12 -3.01
C ASP C 147 -19.78 5.20 -2.69
N LEU C 148 -19.52 5.42 -1.41
CA LEU C 148 -18.56 6.43 -0.96
C LEU C 148 -17.21 5.83 -0.65
N ARG C 149 -16.17 6.59 -0.98
CA ARG C 149 -14.77 6.22 -0.74
C ARG C 149 -14.11 7.31 0.04
N LEU C 150 -13.19 6.93 0.90
CA LEU C 150 -12.53 7.91 1.73
C LEU C 150 -11.20 8.36 1.13
N ILE C 151 -10.86 9.65 1.36
CA ILE C 151 -9.59 10.19 0.89
C ILE C 151 -8.98 11.15 1.93
N ARG C 152 -7.65 11.13 2.02
CA ARG C 152 -6.89 11.99 2.93
C ARG C 152 -6.10 12.96 2.07
N GLU C 153 -6.58 14.20 1.99
CA GLU C 153 -5.99 15.27 1.18
C GLU C 153 -5.01 16.11 1.95
N THR C 154 -3.77 16.14 1.48
CA THR C 154 -2.74 16.97 2.08
C THR C 154 -2.88 18.41 1.56
N GLY C 155 -2.09 19.33 2.12
CA GLY C 155 -2.09 20.70 1.66
C GLY C 155 -1.65 20.75 0.21
N ASP C 156 -0.58 20.00 -0.10
CA ASP C 156 -0.07 19.94 -1.46
C ASP C 156 -1.05 19.28 -2.40
N ASP C 157 -1.79 18.26 -1.93
CA ASP C 157 -2.84 17.61 -2.74
C ASP C 157 -3.91 18.65 -3.11
N TYR C 158 -4.36 19.45 -2.13
CA TYR C 158 -5.35 20.48 -2.39
C TYR C 158 -4.86 21.47 -3.46
N ARG C 159 -3.68 22.09 -3.22
CA ARG C 159 -3.03 23.07 -4.11
C ARG C 159 -2.86 22.53 -5.53
N ASN C 160 -2.29 21.33 -5.68
CA ASN C 160 -2.00 20.72 -6.99
C ASN C 160 -3.16 20.01 -7.70
N ILE C 161 -4.01 19.27 -6.97
CA ILE C 161 -5.07 18.46 -7.57
C ILE C 161 -6.47 19.05 -7.39
N THR C 162 -6.95 19.21 -6.14
CA THR C 162 -8.31 19.66 -5.81
C THR C 162 -8.64 21.04 -6.36
N LEU C 163 -7.84 22.06 -5.97
CA LEU C 163 -8.03 23.46 -6.36
C LEU C 163 -8.11 23.62 -7.90
N PRO C 164 -7.15 23.11 -8.71
CA PRO C 164 -7.32 23.21 -10.17
C PRO C 164 -8.55 22.49 -10.72
N HIS C 165 -8.92 21.33 -10.14
CA HIS C 165 -10.10 20.55 -10.56
C HIS C 165 -11.39 21.36 -10.33
N LEU C 166 -11.47 21.98 -9.14
CA LEU C 166 -12.55 22.85 -8.70
C LEU C 166 -12.68 23.99 -9.68
N GLU C 167 -11.53 24.63 -10.02
CA GLU C 167 -11.40 25.76 -10.92
C GLU C 167 -11.82 25.46 -12.34
N SER C 168 -11.76 24.17 -12.74
CA SER C 168 -12.16 23.71 -14.08
C SER C 168 -13.68 23.76 -14.28
N GLN C 169 -14.47 23.29 -13.28
CA GLN C 169 -15.94 23.28 -13.39
C GLN C 169 -16.43 24.66 -13.02
N SER C 170 -17.06 25.35 -13.96
CA SER C 170 -17.55 26.68 -13.61
C SER C 170 -18.87 26.54 -12.83
N LEU C 171 -18.74 26.25 -11.50
CA LEU C 171 -19.89 26.10 -10.59
C LEU C 171 -20.50 27.48 -10.32
N SER C 172 -21.83 27.66 -10.51
CA SER C 172 -22.44 28.94 -10.23
C SER C 172 -23.05 28.94 -8.85
N ILE C 173 -22.90 30.04 -8.13
CA ILE C 173 -23.47 30.17 -6.79
C ILE C 173 -24.33 31.43 -6.71
N GLN C 174 -25.06 31.70 -7.79
CA GLN C 174 -25.92 32.88 -7.90
C GLN C 174 -27.05 32.87 -6.87
N TRP C 175 -27.59 31.68 -6.56
CA TRP C 175 -28.66 31.52 -5.56
C TRP C 175 -28.19 31.99 -4.16
N VAL C 176 -26.89 31.80 -3.89
CA VAL C 176 -26.21 32.21 -2.65
C VAL C 176 -26.17 33.73 -2.66
N TYR C 177 -25.71 34.33 -3.76
CA TYR C 177 -25.61 35.78 -3.90
C TYR C 177 -26.96 36.44 -3.75
N ASN C 178 -28.01 35.86 -4.36
CA ASN C 178 -29.40 36.32 -4.24
C ASN C 178 -29.84 36.38 -2.78
N ILE C 179 -29.43 35.38 -1.96
CA ILE C 179 -29.75 35.39 -0.53
C ILE C 179 -29.08 36.58 0.15
N LEU C 180 -27.77 36.74 -0.10
CA LEU C 180 -26.97 37.80 0.48
C LEU C 180 -27.41 39.22 0.09
N ASP C 181 -27.82 39.44 -1.17
CA ASP C 181 -28.28 40.79 -1.53
C ASP C 181 -29.81 40.96 -1.40
N LYS C 182 -30.48 40.04 -0.64
CA LYS C 182 -31.92 40.01 -0.32
C LYS C 182 -32.87 39.89 -1.53
N LYS C 183 -32.35 39.47 -2.68
CA LYS C 183 -33.14 39.28 -3.89
C LYS C 183 -33.98 37.99 -3.76
N ALA C 184 -33.67 37.15 -2.76
CA ALA C 184 -34.34 35.88 -2.48
C ALA C 184 -34.28 35.54 -0.99
N GLU C 185 -35.31 34.80 -0.51
CA GLU C 185 -35.47 34.31 0.87
C GLU C 185 -35.31 35.39 1.98
N ALA C 186 -35.59 36.67 1.64
CA ALA C 186 -35.49 37.79 2.59
C ALA C 186 -36.37 37.57 3.81
N ASP C 187 -37.58 36.99 3.61
CA ASP C 187 -38.55 36.67 4.65
C ASP C 187 -38.11 35.57 5.60
N ARG C 188 -37.06 34.84 5.26
CA ARG C 188 -36.55 33.73 6.06
C ARG C 188 -35.39 34.14 6.97
N ILE C 189 -34.77 35.32 6.74
CA ILE C 189 -33.62 35.76 7.53
C ILE C 189 -33.95 35.87 9.01
N VAL C 190 -33.25 35.07 9.84
CA VAL C 190 -33.43 35.08 11.29
C VAL C 190 -32.51 36.17 11.83
N PHE C 191 -31.29 36.20 11.37
CA PHE C 191 -30.34 37.19 11.84
C PHE C 191 -29.39 37.62 10.73
N GLU C 192 -28.91 38.85 10.78
CA GLU C 192 -27.92 39.32 9.83
C GLU C 192 -26.94 40.30 10.47
N ASN C 193 -25.67 40.08 10.24
CA ASN C 193 -24.63 41.01 10.59
C ASN C 193 -24.26 41.55 9.19
N PRO C 194 -24.59 42.81 8.85
CA PRO C 194 -24.36 43.29 7.48
C PRO C 194 -22.93 43.63 7.11
N ASP C 195 -21.97 43.53 8.07
CA ASP C 195 -20.57 43.86 7.81
C ASP C 195 -20.13 43.17 6.52
N PRO C 196 -19.63 43.93 5.51
CA PRO C 196 -19.22 43.30 4.24
C PRO C 196 -18.14 42.25 4.40
N SER C 197 -17.33 42.34 5.46
CA SER C 197 -16.17 41.50 5.70
C SER C 197 -16.37 40.42 6.79
N ASP C 198 -16.79 40.85 7.99
CA ASP C 198 -16.99 39.99 9.13
C ASP C 198 -18.45 39.61 9.33
N GLY C 199 -19.31 40.10 8.45
CA GLY C 199 -20.74 39.85 8.53
C GLY C 199 -21.21 38.55 7.89
N PHE C 200 -22.48 38.20 8.14
CA PHE C 200 -23.14 36.97 7.69
C PHE C 200 -24.70 37.06 7.76
N VAL C 201 -25.38 36.05 7.20
CA VAL C 201 -26.83 35.92 7.15
C VAL C 201 -27.18 34.52 7.66
N LEU C 202 -28.02 34.45 8.70
CA LEU C 202 -28.46 33.21 9.31
C LEU C 202 -29.89 32.92 8.85
N ILE C 203 -30.07 31.86 8.05
CA ILE C 203 -31.40 31.50 7.54
C ILE C 203 -31.79 30.07 7.97
N PRO C 204 -33.07 29.73 8.30
CA PRO C 204 -33.39 28.30 8.58
C PRO C 204 -33.16 27.51 7.30
N ASP C 205 -32.83 26.23 7.42
CA ASP C 205 -32.67 25.41 6.23
C ASP C 205 -34.06 25.17 5.62
N LEU C 206 -34.12 24.97 4.28
CA LEU C 206 -35.39 24.73 3.61
C LEU C 206 -36.05 23.40 3.97
N LYS C 207 -35.25 22.36 4.30
CA LYS C 207 -35.82 21.06 4.71
C LYS C 207 -36.48 21.14 6.12
N TRP C 208 -36.10 22.17 6.96
CA TRP C 208 -36.71 22.42 8.28
C TRP C 208 -38.03 23.22 8.17
N ASN C 209 -39.14 22.58 8.60
CA ASN C 209 -40.53 23.07 8.62
C ASN C 209 -40.84 24.09 9.73
N GLN C 210 -39.89 24.29 10.66
CA GLN C 210 -39.96 25.26 11.78
C GLN C 210 -41.10 24.99 12.80
N GLN C 211 -41.80 23.84 12.71
CA GLN C 211 -42.91 23.59 13.65
C GLN C 211 -42.50 22.87 14.95
N GLN C 212 -41.19 22.54 15.09
CA GLN C 212 -40.61 21.86 16.26
C GLN C 212 -39.11 22.11 16.32
N LEU C 213 -38.57 22.12 17.53
CA LEU C 213 -37.15 22.38 17.77
C LEU C 213 -36.31 21.12 17.70
N ASP C 214 -36.94 19.95 17.73
CA ASP C 214 -36.30 18.63 17.69
C ASP C 214 -35.29 18.45 16.54
N ASP C 215 -35.64 19.03 15.36
CA ASP C 215 -34.88 18.99 14.11
C ASP C 215 -34.42 20.40 13.65
N LEU C 216 -34.19 21.32 14.61
CA LEU C 216 -33.74 22.70 14.33
C LEU C 216 -32.48 22.66 13.45
N TYR C 217 -32.56 23.14 12.19
CA TYR C 217 -31.44 23.18 11.24
C TYR C 217 -31.39 24.54 10.53
N LEU C 218 -30.39 25.35 10.86
CA LEU C 218 -30.19 26.64 10.18
C LEU C 218 -28.79 26.66 9.53
N ILE C 219 -28.53 27.64 8.65
CA ILE C 219 -27.24 27.84 7.99
C ILE C 219 -26.89 29.31 8.05
N ALA C 220 -25.62 29.59 8.31
CA ALA C 220 -25.11 30.95 8.28
C ALA C 220 -24.21 31.06 7.06
N ILE C 221 -24.52 31.98 6.12
CA ILE C 221 -23.73 32.24 4.91
C ILE C 221 -23.02 33.58 5.13
N CYS C 222 -21.69 33.61 4.96
CA CYS C 222 -20.93 34.84 5.17
C CYS C 222 -21.16 35.87 4.06
N HIS C 223 -21.11 37.16 4.39
CA HIS C 223 -21.31 38.19 3.36
C HIS C 223 -20.13 38.29 2.42
N ARG C 224 -18.92 38.09 2.97
CA ARG C 224 -17.67 38.17 2.24
C ARG C 224 -17.51 37.10 1.17
N ARG C 225 -17.11 37.52 -0.04
CA ARG C 225 -16.91 36.67 -1.20
C ARG C 225 -15.48 36.13 -1.31
N GLY C 226 -15.33 34.93 -1.89
CA GLY C 226 -14.04 34.28 -2.08
C GLY C 226 -13.60 33.22 -1.09
N ILE C 227 -14.31 33.03 0.05
CA ILE C 227 -13.93 32.00 1.02
C ILE C 227 -14.66 30.74 0.56
N ARG C 228 -14.04 29.97 -0.33
CA ARG C 228 -14.68 28.79 -0.89
C ARG C 228 -14.97 27.69 0.15
N SER C 229 -14.01 27.42 1.02
CA SER C 229 -14.12 26.34 2.01
C SER C 229 -13.16 26.56 3.15
N LEU C 230 -13.09 25.56 4.04
CA LEU C 230 -12.19 25.39 5.17
C LEU C 230 -10.73 25.69 4.77
N ARG C 231 -10.32 25.28 3.53
CA ARG C 231 -8.96 25.48 2.99
C ARG C 231 -8.57 26.93 2.83
N ASP C 232 -9.54 27.83 2.61
CA ASP C 232 -9.28 29.25 2.44
C ASP C 232 -9.13 30.00 3.79
N LEU C 233 -9.42 29.32 4.92
CA LEU C 233 -9.41 29.93 6.25
C LEU C 233 -8.03 30.16 6.84
N THR C 234 -7.83 31.41 7.29
CA THR C 234 -6.62 31.90 7.95
C THR C 234 -7.05 32.76 9.18
N PRO C 235 -6.13 33.16 10.08
CA PRO C 235 -6.53 34.02 11.21
C PRO C 235 -7.27 35.31 10.87
N GLU C 236 -7.18 35.81 9.62
CA GLU C 236 -7.92 37.02 9.26
C GLU C 236 -9.43 36.80 9.30
N HIS C 237 -9.87 35.53 9.16
CA HIS C 237 -11.28 35.13 9.18
C HIS C 237 -11.81 34.90 10.60
N LEU C 238 -10.94 35.04 11.65
CA LEU C 238 -11.33 34.82 13.03
C LEU C 238 -12.48 35.73 13.48
N PRO C 239 -12.47 37.07 13.24
CA PRO C 239 -13.64 37.88 13.62
C PRO C 239 -14.95 37.40 12.97
N LEU C 240 -14.92 37.00 11.67
CA LEU C 240 -16.13 36.46 10.99
C LEU C 240 -16.57 35.12 11.61
N LEU C 241 -15.59 34.21 11.87
CA LEU C 241 -15.86 32.92 12.47
C LEU C 241 -16.40 33.03 13.88
N ARG C 242 -15.85 33.99 14.65
CA ARG C 242 -16.32 34.24 16.01
C ARG C 242 -17.73 34.84 15.97
N ASN C 243 -18.04 35.72 14.99
CA ASN C 243 -19.40 36.31 14.92
C ASN C 243 -20.39 35.26 14.55
N ILE C 244 -20.03 34.37 13.57
CA ILE C 244 -20.91 33.31 13.12
C ILE C 244 -21.24 32.41 14.29
N LEU C 245 -20.22 32.10 15.15
CA LEU C 245 -20.36 31.23 16.31
C LEU C 245 -21.16 31.89 17.43
N HIS C 246 -20.72 33.09 17.88
CA HIS C 246 -21.32 33.79 18.99
C HIS C 246 -22.62 34.45 18.61
N GLN C 247 -22.63 35.38 17.64
CA GLN C 247 -23.87 36.03 17.21
C GLN C 247 -24.97 35.04 16.74
N GLY C 248 -24.59 34.00 16.00
CA GLY C 248 -25.50 32.97 15.51
C GLY C 248 -26.20 32.26 16.64
N GLN C 249 -25.44 31.78 17.62
CA GLN C 249 -25.96 31.09 18.81
C GLN C 249 -26.87 31.97 19.66
N GLU C 250 -26.49 33.27 19.80
CA GLU C 250 -27.28 34.22 20.58
C GLU C 250 -28.59 34.53 19.88
N ALA C 251 -28.61 34.46 18.52
CA ALA C 251 -29.81 34.69 17.70
C ALA C 251 -30.75 33.48 17.87
N ILE C 252 -30.21 32.23 17.80
CA ILE C 252 -30.99 31.00 18.00
C ILE C 252 -31.67 31.09 19.40
N LEU C 253 -30.89 31.45 20.43
CA LEU C 253 -31.39 31.59 21.79
C LEU C 253 -32.53 32.57 21.87
N GLN C 254 -32.38 33.78 21.29
CA GLN C 254 -33.41 34.81 21.34
C GLN C 254 -34.71 34.38 20.61
N ARG C 255 -34.59 33.97 19.36
CA ARG C 255 -35.68 33.60 18.47
C ARG C 255 -36.37 32.30 18.85
N TYR C 256 -35.58 31.20 19.03
CA TYR C 256 -36.08 29.85 19.29
C TYR C 256 -35.94 29.38 20.71
N ARG C 257 -35.53 30.24 21.66
CA ARG C 257 -35.38 29.86 23.08
C ARG C 257 -34.56 28.55 23.21
N MET C 258 -33.47 28.45 22.44
CA MET C 258 -32.61 27.26 22.41
C MET C 258 -31.17 27.58 22.82
N LYS C 259 -30.77 27.04 23.98
CA LYS C 259 -29.43 27.26 24.55
C LYS C 259 -28.37 26.65 23.63
N GLY C 260 -27.19 27.27 23.61
CA GLY C 260 -26.06 26.83 22.82
C GLY C 260 -25.62 25.41 23.11
N ASP C 261 -25.76 24.94 24.36
CA ASP C 261 -25.37 23.57 24.72
C ASP C 261 -26.34 22.52 24.13
N HIS C 262 -27.44 22.96 23.50
CA HIS C 262 -28.35 22.09 22.78
C HIS C 262 -27.99 22.12 21.26
N LEU C 263 -26.92 22.84 20.88
CA LEU C 263 -26.52 23.02 19.49
C LEU C 263 -25.17 22.46 19.09
N ARG C 264 -25.15 21.89 17.89
CA ARG C 264 -24.00 21.35 17.19
C ARG C 264 -23.75 22.36 16.03
N VAL C 265 -22.63 23.12 16.11
CA VAL C 265 -22.25 24.18 15.15
C VAL C 265 -21.00 23.74 14.35
N TYR C 266 -21.19 23.42 13.04
CA TYR C 266 -20.13 22.83 12.21
C TYR C 266 -20.07 23.30 10.75
N LEU C 267 -18.92 23.02 10.10
CA LEU C 267 -18.61 23.24 8.69
C LEU C 267 -18.44 21.89 8.04
N HIS C 268 -18.67 21.84 6.72
CA HIS C 268 -18.47 20.63 5.95
C HIS C 268 -17.21 20.71 5.10
N TYR C 269 -16.35 19.68 5.21
CA TYR C 269 -15.24 19.66 4.30
C TYR C 269 -15.52 18.64 3.23
N LEU C 270 -15.35 19.25 2.09
CA LEU C 270 -15.79 19.20 0.75
C LEU C 270 -17.31 19.47 0.81
N PRO C 271 -17.68 20.79 0.81
CA PRO C 271 -19.09 21.16 0.94
C PRO C 271 -19.86 21.05 -0.38
N SER C 272 -21.20 21.21 -0.35
CA SER C 272 -22.02 21.14 -1.56
C SER C 272 -21.87 22.37 -2.46
N TYR C 273 -21.34 23.49 -1.92
CA TYR C 273 -21.09 24.71 -2.70
C TYR C 273 -19.93 25.47 -2.09
N TYR C 274 -19.16 26.13 -2.96
CA TYR C 274 -17.91 26.77 -2.57
C TYR C 274 -18.01 28.28 -2.29
N HIS C 275 -18.77 28.60 -1.22
CA HIS C 275 -18.94 29.91 -0.56
C HIS C 275 -19.24 29.53 0.88
N LEU C 276 -18.30 29.79 1.79
CA LEU C 276 -18.33 29.44 3.20
C LEU C 276 -19.71 29.53 3.81
N HIS C 277 -20.16 28.44 4.48
CA HIS C 277 -21.43 28.32 5.19
C HIS C 277 -21.33 27.31 6.34
N VAL C 278 -21.90 27.66 7.52
CA VAL C 278 -21.92 26.94 8.80
C VAL C 278 -23.31 26.45 9.17
N HIS C 279 -23.39 25.22 9.69
CA HIS C 279 -24.62 24.55 10.07
C HIS C 279 -24.81 24.63 11.55
N PHE C 280 -26.02 25.04 11.97
CA PHE C 280 -26.50 25.11 13.36
C PHE C 280 -27.63 24.11 13.49
N THR C 281 -27.39 22.99 14.16
CA THR C 281 -28.39 21.94 14.27
C THR C 281 -28.56 21.46 15.69
N ALA C 282 -29.82 21.08 16.01
CA ALA C 282 -30.21 20.53 17.29
C ALA C 282 -29.38 19.25 17.53
N LEU C 283 -28.68 19.18 18.67
CA LEU C 283 -27.81 18.09 19.12
C LEU C 283 -28.48 16.71 19.04
N GLY C 284 -29.76 16.64 19.39
CA GLY C 284 -30.52 15.41 19.36
C GLY C 284 -30.89 14.94 17.97
N PHE C 285 -30.72 15.81 16.97
CA PHE C 285 -31.02 15.54 15.57
C PHE C 285 -29.79 14.96 14.90
N GLU C 286 -29.83 13.62 14.65
CA GLU C 286 -28.76 12.82 14.04
C GLU C 286 -28.62 13.17 12.52
N ALA C 287 -28.40 14.48 12.30
CA ALA C 287 -28.29 15.34 11.11
C ALA C 287 -27.56 14.73 9.90
N PRO C 288 -27.91 15.16 8.66
CA PRO C 288 -27.17 14.67 7.49
C PRO C 288 -25.83 15.43 7.36
N GLY C 289 -24.71 14.68 7.46
CA GLY C 289 -23.36 15.23 7.37
C GLY C 289 -22.77 15.67 8.69
N SER C 290 -23.39 15.27 9.81
CA SER C 290 -22.86 15.58 11.15
C SER C 290 -21.70 14.62 11.52
N GLY C 291 -21.44 13.63 10.66
CA GLY C 291 -20.41 12.61 10.79
C GLY C 291 -18.99 13.14 10.75
N VAL C 292 -18.10 12.47 11.45
CA VAL C 292 -16.69 12.86 11.59
C VAL C 292 -15.94 12.94 10.22
N GLU C 293 -16.35 12.13 9.23
CA GLU C 293 -15.74 12.12 7.91
C GLU C 293 -16.04 13.41 7.09
N ARG C 294 -16.84 14.36 7.61
CA ARG C 294 -17.20 15.59 6.89
C ARG C 294 -17.35 16.85 7.76
N ALA C 295 -17.96 16.72 8.95
CA ALA C 295 -18.18 17.85 9.86
C ALA C 295 -16.92 18.28 10.63
N HIS C 296 -16.75 19.60 10.81
CA HIS C 296 -15.63 20.23 11.54
C HIS C 296 -16.26 21.29 12.41
N LEU C 297 -16.19 21.13 13.75
CA LEU C 297 -16.82 22.07 14.68
C LEU C 297 -16.24 23.45 14.54
N LEU C 298 -17.11 24.49 14.50
CA LEU C 298 -16.67 25.89 14.41
C LEU C 298 -15.74 26.27 15.56
N ALA C 299 -16.14 25.93 16.82
CA ALA C 299 -15.33 26.21 18.01
C ALA C 299 -13.88 25.68 17.84
N GLU C 300 -13.74 24.44 17.33
CA GLU C 300 -12.47 23.79 17.05
C GLU C 300 -11.73 24.50 15.90
N VAL C 301 -12.43 24.83 14.80
CA VAL C 301 -11.87 25.52 13.65
C VAL C 301 -11.22 26.82 14.11
N ILE C 302 -11.91 27.60 14.97
CA ILE C 302 -11.42 28.86 15.55
C ILE C 302 -10.15 28.64 16.38
N GLU C 303 -10.19 27.69 17.33
CA GLU C 303 -9.06 27.36 18.19
C GLU C 303 -7.86 26.86 17.42
N ASN C 304 -8.07 26.18 16.28
CA ASN C 304 -6.95 25.72 15.45
C ASN C 304 -6.27 26.91 14.84
N LEU C 305 -7.07 27.89 14.36
CA LEU C 305 -6.54 29.11 13.74
C LEU C 305 -5.82 29.98 14.71
N GLU C 306 -6.26 29.97 15.99
CA GLU C 306 -5.66 30.73 17.09
C GLU C 306 -4.32 30.10 17.46
N CYS C 307 -4.16 28.80 17.23
CA CYS C 307 -2.93 28.08 17.57
C CYS C 307 -1.92 27.99 16.42
N ASP C 308 -2.39 27.63 15.23
CA ASP C 308 -1.58 27.50 14.03
C ASP C 308 -2.20 28.30 12.91
N PRO C 309 -1.64 29.47 12.58
CA PRO C 309 -2.19 30.29 11.48
C PRO C 309 -2.32 29.56 10.15
N ARG C 310 -1.35 28.71 9.82
CA ARG C 310 -1.26 27.97 8.56
C ARG C 310 -1.94 26.58 8.62
N HIS C 311 -2.71 26.30 9.69
CA HIS C 311 -3.36 25.01 9.91
C HIS C 311 -4.11 24.43 8.71
N TYR C 312 -5.10 25.16 8.16
CA TYR C 312 -5.94 24.62 7.08
C TYR C 312 -5.29 24.64 5.70
N GLN C 313 -4.16 25.31 5.56
CA GLN C 313 -3.42 25.36 4.31
C GLN C 313 -2.43 24.18 4.23
N GLN C 314 -1.93 23.73 5.40
CA GLN C 314 -0.92 22.68 5.53
C GLN C 314 -1.43 21.31 6.02
N ARG C 315 -2.45 21.27 6.90
CA ARG C 315 -2.86 20.00 7.49
C ARG C 315 -3.68 19.11 6.53
N THR C 316 -3.69 17.78 6.81
CA THR C 316 -4.36 16.77 5.98
C THR C 316 -5.79 16.53 6.40
N LEU C 317 -6.68 16.90 5.51
CA LEU C 317 -8.11 16.75 5.75
C LEU C 317 -8.61 15.42 5.21
N THR C 318 -9.52 14.80 5.97
CA THR C 318 -10.12 13.53 5.60
C THR C 318 -11.58 13.72 5.20
N PHE C 319 -11.98 13.17 4.04
CA PHE C 319 -13.35 13.30 3.55
C PHE C 319 -13.72 12.14 2.63
N ALA C 320 -15.04 11.98 2.39
CA ALA C 320 -15.57 10.95 1.52
C ALA C 320 -15.96 11.52 0.16
N LEU C 321 -15.76 10.73 -0.88
CA LEU C 321 -16.12 11.11 -2.23
C LEU C 321 -16.87 9.95 -2.87
N ARG C 322 -17.78 10.25 -3.80
CA ARG C 322 -18.53 9.21 -4.50
C ARG C 322 -17.53 8.49 -5.41
N ALA C 323 -17.63 7.15 -5.48
CA ALA C 323 -16.72 6.30 -6.24
C ALA C 323 -16.54 6.75 -7.70
N ASP C 324 -17.64 7.25 -8.29
CA ASP C 324 -17.74 7.75 -9.67
C ASP C 324 -17.20 9.20 -9.85
N ASP C 325 -16.80 9.88 -8.75
CA ASP C 325 -16.31 11.26 -8.80
C ASP C 325 -14.91 11.31 -9.44
N PRO C 326 -14.69 12.17 -10.50
CA PRO C 326 -13.36 12.24 -11.14
C PRO C 326 -12.23 12.73 -10.21
N LEU C 327 -12.58 13.59 -9.20
CA LEU C 327 -11.64 14.09 -8.21
C LEU C 327 -11.05 12.94 -7.37
N LEU C 328 -11.86 11.90 -7.08
CA LEU C 328 -11.41 10.73 -6.33
C LEU C 328 -10.26 10.04 -7.07
N LYS C 329 -10.45 9.72 -8.37
CA LYS C 329 -9.44 9.06 -9.21
C LYS C 329 -8.18 9.93 -9.28
N LEU C 330 -8.36 11.26 -9.55
CA LEU C 330 -7.29 12.24 -9.63
C LEU C 330 -6.34 12.23 -8.42
N LEU C 331 -6.91 12.24 -7.19
CA LEU C 331 -6.16 12.20 -5.94
C LEU C 331 -5.51 10.82 -5.71
N GLN C 332 -6.22 9.71 -6.05
CA GLN C 332 -5.71 8.34 -5.93
C GLN C 332 -4.47 8.20 -6.80
N GLU C 333 -4.56 8.65 -8.08
CA GLU C 333 -3.49 8.65 -9.08
C GLU C 333 -2.28 9.45 -8.57
N ALA C 334 -2.55 10.60 -7.95
CA ALA C 334 -1.52 11.50 -7.42
C ALA C 334 -0.82 10.92 -6.22
N GLN C 335 -1.52 10.15 -5.41
CA GLN C 335 -0.99 9.60 -4.16
C GLN C 335 -0.18 8.33 -4.33
N GLN C 336 0.00 7.84 -5.58
CA GLN C 336 0.85 6.66 -5.92
C GLN C 336 1.69 6.85 -7.16
N ALA D 38 -27.32 -26.26 17.80
CA ALA D 38 -27.94 -26.65 19.06
C ALA D 38 -29.11 -25.71 19.46
N PRO D 39 -30.24 -26.23 20.06
CA PRO D 39 -31.36 -25.34 20.42
C PRO D 39 -31.24 -24.76 21.84
N VAL D 40 -30.07 -24.12 22.10
CA VAL D 40 -29.66 -23.50 23.37
C VAL D 40 -30.69 -22.48 23.90
N ARG D 41 -30.76 -22.36 25.25
CA ARG D 41 -31.65 -21.41 25.92
C ARG D 41 -30.86 -20.44 26.80
N LEU D 42 -31.53 -19.32 27.17
CA LEU D 42 -31.07 -18.18 27.98
C LEU D 42 -30.25 -18.53 29.24
N PRO D 43 -29.43 -17.57 29.76
CA PRO D 43 -28.62 -17.86 30.96
C PRO D 43 -29.40 -17.75 32.27
N PHE D 44 -30.74 -17.65 32.16
CA PHE D 44 -31.69 -17.51 33.25
C PHE D 44 -32.96 -18.29 32.89
N SER D 45 -33.76 -18.66 33.89
CA SER D 45 -35.02 -19.28 33.55
C SER D 45 -36.15 -18.39 33.99
N GLY D 46 -36.85 -17.86 33.01
CA GLY D 46 -37.96 -16.94 33.25
C GLY D 46 -37.52 -15.49 33.31
N PHE D 47 -38.28 -14.63 32.65
CA PHE D 47 -38.08 -13.19 32.59
C PHE D 47 -39.35 -12.51 33.07
N ARG D 48 -39.22 -11.32 33.66
CA ARG D 48 -40.36 -10.54 34.16
C ARG D 48 -40.04 -9.08 33.88
N LEU D 49 -40.57 -8.53 32.77
CA LEU D 49 -40.33 -7.15 32.38
C LEU D 49 -40.75 -6.17 33.47
N GLN D 50 -39.78 -5.42 33.98
CA GLN D 50 -39.95 -4.43 35.03
C GLN D 50 -40.12 -3.04 34.41
N LYS D 51 -39.24 -2.68 33.45
CA LYS D 51 -39.31 -1.38 32.77
C LYS D 51 -38.70 -1.48 31.36
N VAL D 52 -39.27 -0.74 30.39
CA VAL D 52 -38.73 -0.65 29.03
C VAL D 52 -37.80 0.54 29.10
N LEU D 53 -36.49 0.28 29.22
CA LEU D 53 -35.45 1.28 29.38
C LEU D 53 -35.39 2.27 28.22
N ARG D 54 -35.38 1.75 26.98
CA ARG D 54 -35.30 2.53 25.74
C ARG D 54 -36.00 1.80 24.59
N GLU D 55 -36.62 2.55 23.69
CA GLU D 55 -37.30 2.01 22.51
C GLU D 55 -37.08 2.99 21.36
N SER D 56 -36.53 2.49 20.25
CA SER D 56 -36.32 3.31 19.07
C SER D 56 -36.97 2.64 17.88
N ALA D 57 -37.93 3.33 17.28
CA ALA D 57 -38.67 2.86 16.11
C ALA D 57 -37.80 2.96 14.85
N ARG D 58 -36.93 4.00 14.81
CA ARG D 58 -35.99 4.28 13.72
C ARG D 58 -34.93 3.17 13.61
N ASP D 59 -34.25 2.85 14.73
CA ASP D 59 -33.19 1.86 14.84
C ASP D 59 -33.69 0.41 14.99
N LYS D 60 -35.03 0.20 15.06
CA LYS D 60 -35.72 -1.09 15.24
C LYS D 60 -35.08 -1.90 16.37
N ILE D 61 -35.00 -1.26 17.56
CA ILE D 61 -34.37 -1.81 18.76
C ILE D 61 -35.20 -1.50 20.03
N ILE D 62 -35.11 -2.40 21.02
CA ILE D 62 -35.75 -2.30 22.33
C ILE D 62 -34.77 -2.72 23.45
N PHE D 63 -34.83 -2.03 24.59
CA PHE D 63 -33.99 -2.30 25.75
C PHE D 63 -34.94 -2.62 26.90
N LEU D 64 -34.85 -3.85 27.42
CA LEU D 64 -35.76 -4.31 28.46
C LEU D 64 -35.08 -4.67 29.76
N HIS D 65 -35.63 -4.22 30.89
CA HIS D 65 -35.09 -4.56 32.20
C HIS D 65 -36.02 -5.55 32.89
N GLY D 66 -35.45 -6.68 33.27
CA GLY D 66 -36.22 -7.72 33.94
C GLY D 66 -35.62 -8.26 35.22
N LYS D 67 -36.47 -8.96 35.96
CA LYS D 67 -36.12 -9.69 37.16
C LYS D 67 -36.17 -11.15 36.71
N VAL D 68 -35.03 -11.86 36.80
CA VAL D 68 -34.95 -13.24 36.35
C VAL D 68 -34.79 -14.23 37.53
N ASN D 69 -35.30 -15.49 37.34
CA ASN D 69 -35.40 -16.59 38.33
C ASN D 69 -36.38 -16.12 39.46
N GLU D 70 -37.43 -15.38 39.05
CA GLU D 70 -38.44 -14.74 39.89
C GLU D 70 -39.88 -15.30 39.72
N GLY D 75 -40.55 -13.67 44.09
CA GLY D 75 -39.11 -13.44 44.19
C GLY D 75 -38.72 -12.05 44.67
N ASP D 76 -37.39 -11.83 44.90
CA ASP D 76 -36.76 -10.58 45.40
C ASP D 76 -36.19 -9.67 44.27
N GLY D 77 -34.93 -9.90 43.86
CA GLY D 77 -34.31 -9.08 42.82
C GLY D 77 -33.01 -9.57 42.23
N GLU D 78 -33.08 -10.45 41.20
CA GLU D 78 -31.94 -10.95 40.43
C GLU D 78 -32.02 -10.28 39.02
N ASP D 79 -31.84 -8.95 38.98
CA ASP D 79 -31.93 -8.09 37.80
C ASP D 79 -31.08 -8.53 36.59
N ALA D 80 -31.61 -8.26 35.39
CA ALA D 80 -31.01 -8.57 34.08
C ALA D 80 -31.55 -7.59 33.02
N VAL D 81 -30.78 -7.38 31.93
CA VAL D 81 -31.15 -6.48 30.82
C VAL D 81 -31.07 -7.21 29.47
N VAL D 82 -32.17 -7.19 28.70
CA VAL D 82 -32.24 -7.84 27.41
C VAL D 82 -32.43 -6.82 26.28
N ILE D 83 -31.48 -6.76 25.34
CA ILE D 83 -31.53 -5.90 24.16
C ILE D 83 -31.97 -6.76 22.96
N LEU D 84 -33.00 -6.30 22.22
CA LEU D 84 -33.49 -6.96 20.99
C LEU D 84 -33.36 -5.98 19.84
N GLU D 85 -32.71 -6.41 18.75
CA GLU D 85 -32.50 -5.56 17.59
C GLU D 85 -32.86 -6.33 16.33
N LYS D 86 -33.63 -5.69 15.43
CA LYS D 86 -33.99 -6.29 14.14
C LYS D 86 -32.72 -6.32 13.30
N THR D 87 -32.54 -7.37 12.51
CA THR D 87 -31.33 -7.55 11.72
C THR D 87 -31.34 -6.81 10.38
N PRO D 88 -30.18 -6.30 9.89
CA PRO D 88 -30.16 -5.69 8.55
C PRO D 88 -30.34 -6.75 7.47
N PHE D 89 -30.95 -6.37 6.33
CA PHE D 89 -31.24 -7.28 5.23
C PHE D 89 -30.00 -7.86 4.58
N GLN D 90 -29.98 -9.18 4.37
CA GLN D 90 -28.88 -9.86 3.70
C GLN D 90 -29.20 -9.98 2.21
N VAL D 91 -28.53 -9.11 1.41
CA VAL D 91 -28.64 -8.93 -0.05
C VAL D 91 -29.03 -10.21 -0.81
N GLU D 92 -28.28 -11.32 -0.61
CA GLU D 92 -28.49 -12.62 -1.27
C GLU D 92 -29.83 -13.27 -0.90
N GLN D 93 -30.13 -13.40 0.40
CA GLN D 93 -31.37 -13.98 0.93
C GLN D 93 -32.62 -13.26 0.45
N VAL D 94 -32.56 -11.91 0.40
CA VAL D 94 -33.66 -11.05 -0.01
C VAL D 94 -33.94 -11.16 -1.51
N ALA D 95 -32.89 -11.06 -2.35
CA ALA D 95 -33.02 -11.18 -3.81
C ALA D 95 -33.58 -12.57 -4.18
N GLN D 96 -33.08 -13.62 -3.48
CA GLN D 96 -33.50 -15.01 -3.60
C GLN D 96 -34.99 -15.17 -3.26
N LEU D 97 -35.46 -14.48 -2.19
CA LEU D 97 -36.87 -14.50 -1.74
C LEU D 97 -37.82 -13.83 -2.76
N LEU D 98 -37.49 -12.59 -3.18
CA LEU D 98 -38.27 -11.78 -4.14
C LEU D 98 -38.28 -12.40 -5.52
N PRO D 102 -46.22 -14.66 -4.61
CA PRO D 102 -45.54 -13.88 -3.58
C PRO D 102 -46.49 -13.50 -2.43
N GLU D 103 -46.10 -13.84 -1.18
CA GLU D 103 -46.87 -13.62 0.06
C GLU D 103 -46.81 -12.17 0.57
N LEU D 104 -47.92 -11.43 0.38
CA LEU D 104 -48.07 -10.01 0.69
C LEU D 104 -49.50 -9.66 1.13
N GLN D 105 -49.66 -8.53 1.84
CA GLN D 105 -50.91 -8.00 2.36
C GLN D 105 -50.92 -6.51 2.02
N LEU D 106 -51.71 -6.11 1.00
CA LEU D 106 -51.77 -4.73 0.53
C LEU D 106 -52.36 -3.76 1.56
N GLN D 107 -51.65 -2.61 1.76
CA GLN D 107 -51.99 -1.51 2.67
C GLN D 107 -52.45 -0.21 1.95
N PHE D 108 -51.69 0.28 0.93
CA PHE D 108 -52.02 1.53 0.22
C PHE D 108 -51.91 1.47 -1.33
N SER D 109 -52.40 2.53 -2.03
CA SER D 109 -52.39 2.69 -3.48
C SER D 109 -52.26 4.18 -3.86
N ASP D 111 -51.34 6.86 -6.70
CA ASP D 111 -51.57 6.66 -8.13
C ASP D 111 -50.64 5.58 -8.72
N ILE D 112 -49.39 5.48 -8.24
CA ILE D 112 -48.35 4.52 -8.67
C ILE D 112 -47.79 3.74 -7.45
N TYR D 113 -47.54 4.48 -6.36
CA TYR D 113 -47.03 3.99 -5.07
C TYR D 113 -48.04 3.01 -4.43
N SER D 114 -47.56 1.95 -3.75
CA SER D 114 -48.38 0.93 -3.07
C SER D 114 -47.65 0.26 -1.90
N THR D 115 -48.28 0.21 -0.69
CA THR D 115 -47.71 -0.40 0.53
C THR D 115 -48.20 -1.85 0.74
N TYR D 116 -47.34 -2.72 1.33
CA TYR D 116 -47.58 -4.14 1.60
C TYR D 116 -46.94 -4.62 2.92
N HIS D 117 -47.37 -5.80 3.40
CA HIS D 117 -46.84 -6.48 4.58
C HIS D 117 -46.31 -7.84 4.14
N LEU D 118 -44.99 -8.04 4.23
CA LEU D 118 -44.31 -9.28 3.85
C LEU D 118 -43.96 -10.14 5.08
N PHE D 119 -44.18 -11.46 4.96
CA PHE D 119 -43.86 -12.44 5.99
C PHE D 119 -42.85 -13.44 5.41
N PRO D 120 -41.54 -13.22 5.66
CA PRO D 120 -40.51 -14.10 5.06
C PRO D 120 -40.23 -15.39 5.82
N PRO D 121 -39.39 -16.35 5.28
CA PRO D 121 -39.10 -17.58 6.04
C PRO D 121 -38.16 -17.36 7.23
N ARG D 122 -37.98 -18.41 8.07
CA ARG D 122 -37.16 -18.42 9.29
C ARG D 122 -35.81 -17.67 9.19
N GLN D 123 -35.03 -17.95 8.11
CA GLN D 123 -33.72 -17.36 7.80
C GLN D 123 -33.71 -15.83 7.88
N LEU D 124 -34.68 -15.20 7.19
CA LEU D 124 -34.84 -13.74 7.08
C LEU D 124 -35.56 -13.11 8.29
N ASN D 125 -35.86 -13.94 9.31
CA ASN D 125 -36.56 -13.57 10.55
C ASN D 125 -35.62 -13.56 11.78
N ASP D 126 -34.32 -13.30 11.57
CA ASP D 126 -33.35 -13.26 12.65
C ASP D 126 -33.51 -12.00 13.51
N VAL D 127 -33.29 -12.13 14.83
CA VAL D 127 -33.37 -11.04 15.81
C VAL D 127 -32.13 -11.11 16.71
N LYS D 128 -31.34 -10.00 16.76
CA LYS D 128 -30.11 -9.88 17.57
C LYS D 128 -30.51 -9.73 19.03
N THR D 129 -30.12 -10.70 19.89
CA THR D 129 -30.45 -10.72 21.32
C THR D 129 -29.22 -10.60 22.21
N THR D 130 -29.12 -9.52 22.98
CA THR D 130 -28.00 -9.35 23.90
C THR D 130 -28.55 -9.42 25.32
N VAL D 131 -27.93 -10.25 26.17
CA VAL D 131 -28.37 -10.46 27.57
C VAL D 131 -27.28 -10.04 28.56
N VAL D 132 -27.62 -9.16 29.51
CA VAL D 132 -26.73 -8.68 30.57
C VAL D 132 -27.23 -9.28 31.91
N TYR D 133 -26.62 -10.39 32.37
CA TYR D 133 -27.03 -11.04 33.64
C TYR D 133 -25.83 -11.48 34.48
N PRO D 134 -25.66 -10.94 35.71
CA PRO D 134 -26.47 -9.90 36.39
C PRO D 134 -26.17 -8.47 35.95
N ALA D 135 -27.13 -7.56 36.17
CA ALA D 135 -27.05 -6.14 35.82
C ALA D 135 -27.31 -5.25 37.03
N THR D 136 -26.43 -4.24 37.23
CA THR D 136 -26.50 -3.28 38.34
C THR D 136 -27.37 -2.05 38.01
N GLU D 137 -27.49 -1.11 38.97
CA GLU D 137 -28.27 0.11 38.83
C GLU D 137 -27.65 1.09 37.80
N LYS D 138 -26.30 1.27 37.78
CA LYS D 138 -25.66 2.20 36.81
C LYS D 138 -25.75 1.64 35.40
N HIS D 139 -25.89 0.31 35.31
CA HIS D 139 -26.07 -0.39 34.06
C HIS D 139 -27.43 -0.02 33.49
N LEU D 140 -28.45 0.06 34.37
CA LEU D 140 -29.81 0.43 34.01
C LEU D 140 -29.93 1.87 33.59
N GLN D 141 -29.15 2.78 34.22
CA GLN D 141 -29.18 4.22 33.89
C GLN D 141 -28.59 4.56 32.52
N LYS D 142 -27.63 3.75 32.04
CA LYS D 142 -26.97 3.97 30.76
C LYS D 142 -27.93 3.82 29.57
N TYR D 143 -28.99 3.00 29.73
CA TYR D 143 -29.96 2.73 28.65
C TYR D 143 -31.13 3.68 28.58
N LEU D 144 -31.40 4.41 29.67
CA LEU D 144 -32.49 5.39 29.78
C LEU D 144 -32.33 6.53 28.76
N ARG D 145 -33.39 6.74 27.98
CA ARG D 145 -33.45 7.78 26.95
C ARG D 145 -33.63 9.15 27.63
N GLN D 146 -32.52 9.94 27.72
CA GLN D 146 -32.50 11.29 28.32
C GLN D 146 -31.64 12.30 27.50
N ASP D 147 -32.07 13.59 27.57
CA ASP D 147 -31.63 14.85 26.94
C ASP D 147 -30.15 14.99 27.05
N LEU D 148 -29.50 15.24 25.90
CA LEU D 148 -28.05 15.44 25.86
C LEU D 148 -27.70 16.91 25.85
N ARG D 149 -26.60 17.24 26.53
CA ARG D 149 -26.08 18.58 26.63
C ARG D 149 -24.65 18.60 26.16
N LEU D 150 -24.24 19.69 25.55
CA LEU D 150 -22.87 19.81 25.06
C LEU D 150 -21.97 20.52 26.05
N ILE D 151 -20.69 20.12 26.10
CA ILE D 151 -19.71 20.74 26.98
C ILE D 151 -18.32 20.83 26.29
N ARG D 152 -17.60 21.93 26.56
CA ARG D 152 -16.26 22.17 26.05
C ARG D 152 -15.30 22.13 27.23
N GLU D 153 -14.58 21.02 27.34
CA GLU D 153 -13.64 20.74 28.42
C GLU D 153 -12.23 21.17 28.07
N THR D 154 -11.74 22.18 28.79
CA THR D 154 -10.37 22.68 28.59
C THR D 154 -9.44 21.72 29.31
N GLY D 155 -8.15 21.77 28.98
CA GLY D 155 -7.14 20.94 29.61
C GLY D 155 -7.25 20.96 31.11
N ASP D 156 -7.36 22.18 31.70
CA ASP D 156 -7.52 22.42 33.15
C ASP D 156 -8.83 21.85 33.71
N ASP D 157 -9.94 21.92 32.94
CA ASP D 157 -11.20 21.31 33.34
C ASP D 157 -11.01 19.81 33.49
N TYR D 158 -10.32 19.15 32.52
CA TYR D 158 -10.07 17.70 32.61
C TYR D 158 -9.30 17.37 33.90
N ARG D 159 -8.12 18.01 34.10
CA ARG D 159 -7.22 17.82 35.24
C ARG D 159 -7.93 18.00 36.57
N ASN D 160 -8.66 19.13 36.72
CA ASN D 160 -9.34 19.48 37.97
C ASN D 160 -10.70 18.82 38.23
N ILE D 161 -11.56 18.68 37.20
CA ILE D 161 -12.92 18.17 37.36
C ILE D 161 -13.12 16.73 36.86
N THR D 162 -12.90 16.49 35.55
CA THR D 162 -13.15 15.22 34.91
C THR D 162 -12.33 14.06 35.49
N LEU D 163 -10.99 14.19 35.48
CA LEU D 163 -10.04 13.19 35.98
C LEU D 163 -10.34 12.75 37.40
N PRO D 164 -10.52 13.67 38.41
CA PRO D 164 -10.91 13.21 39.75
C PRO D 164 -12.27 12.48 39.79
N HIS D 165 -13.25 12.93 38.98
CA HIS D 165 -14.58 12.31 38.90
C HIS D 165 -14.48 10.86 38.38
N LEU D 166 -13.69 10.69 37.33
CA LEU D 166 -13.39 9.43 36.69
C LEU D 166 -12.73 8.51 37.67
N GLU D 167 -11.75 9.04 38.44
CA GLU D 167 -10.99 8.32 39.46
C GLU D 167 -11.85 7.85 40.63
N SER D 168 -13.00 8.51 40.86
CA SER D 168 -13.96 8.17 41.90
C SER D 168 -14.60 6.81 41.63
N GLN D 169 -14.65 6.43 40.34
CA GLN D 169 -15.05 5.17 39.68
C GLN D 169 -15.77 5.46 38.36
N SER D 170 -15.31 4.70 37.32
CA SER D 170 -15.79 4.69 35.92
C SER D 170 -15.81 3.23 35.34
N LEU D 171 -16.87 2.44 35.72
CA LEU D 171 -17.17 1.06 35.26
C LEU D 171 -16.10 -0.05 35.53
N SER D 172 -16.58 -1.31 35.45
CA SER D 172 -15.77 -2.51 35.45
C SER D 172 -15.59 -2.79 33.95
N ILE D 173 -14.38 -3.21 33.57
CA ILE D 173 -14.07 -3.52 32.18
C ILE D 173 -13.49 -4.93 32.11
N GLN D 174 -14.08 -5.83 32.91
CA GLN D 174 -13.65 -7.22 33.00
C GLN D 174 -13.80 -7.95 31.68
N TRP D 175 -14.87 -7.65 30.92
CA TRP D 175 -15.13 -8.26 29.61
C TRP D 175 -13.99 -7.94 28.63
N VAL D 176 -13.39 -6.73 28.77
CA VAL D 176 -12.24 -6.24 27.99
C VAL D 176 -11.04 -7.11 28.36
N TYR D 177 -10.77 -7.25 29.67
CA TYR D 177 -9.65 -8.04 30.16
C TYR D 177 -9.74 -9.47 29.74
N ASN D 178 -10.95 -10.06 29.81
CA ASN D 178 -11.22 -11.41 29.37
C ASN D 178 -10.86 -11.60 27.90
N ILE D 179 -11.15 -10.59 27.04
CA ILE D 179 -10.79 -10.66 25.62
C ILE D 179 -9.27 -10.68 25.48
N LEU D 180 -8.58 -9.74 26.14
CA LEU D 180 -7.13 -9.60 26.10
C LEU D 180 -6.38 -10.82 26.62
N ASP D 181 -6.86 -11.47 27.70
CA ASP D 181 -6.15 -12.64 28.21
C ASP D 181 -6.70 -13.96 27.65
N LYS D 182 -7.52 -13.89 26.56
CA LYS D 182 -8.13 -15.02 25.81
C LYS D 182 -9.11 -15.89 26.65
N LYS D 183 -9.58 -15.36 27.79
CA LYS D 183 -10.54 -16.05 28.64
C LYS D 183 -11.97 -16.02 27.99
N ALA D 184 -12.14 -15.15 26.97
CA ALA D 184 -13.39 -14.95 26.26
C ALA D 184 -13.14 -14.51 24.83
N GLU D 185 -14.07 -14.88 23.93
CA GLU D 185 -14.12 -14.55 22.51
C GLU D 185 -12.82 -14.87 21.72
N ALA D 186 -11.96 -15.78 22.21
CA ALA D 186 -10.68 -16.14 21.57
C ALA D 186 -10.89 -16.51 20.09
N ASP D 187 -11.92 -17.32 19.82
CA ASP D 187 -12.32 -17.79 18.48
C ASP D 187 -12.77 -16.68 17.52
N ARG D 188 -13.10 -15.48 18.06
CA ARG D 188 -13.59 -14.35 17.30
C ARG D 188 -12.49 -13.34 16.89
N ILE D 189 -11.29 -13.42 17.49
CA ILE D 189 -10.21 -12.48 17.19
C ILE D 189 -9.87 -12.47 15.69
N VAL D 190 -9.95 -11.29 15.05
CA VAL D 190 -9.62 -11.10 13.62
C VAL D 190 -8.09 -11.00 13.42
N PHE D 191 -7.38 -10.34 14.38
CA PHE D 191 -5.93 -10.15 14.39
C PHE D 191 -5.45 -9.76 15.77
N GLU D 192 -4.22 -10.12 16.09
CA GLU D 192 -3.60 -9.75 17.36
C GLU D 192 -2.13 -9.45 17.19
N ASN D 193 -1.70 -8.34 17.77
CA ASN D 193 -0.30 -7.98 17.90
C ASN D 193 -0.11 -8.21 19.40
N PRO D 194 0.61 -9.27 19.83
CA PRO D 194 0.70 -9.56 21.28
C PRO D 194 1.65 -8.68 22.07
N ASP D 195 2.36 -7.71 21.40
CA ASP D 195 3.29 -6.80 22.09
C ASP D 195 2.60 -6.24 23.33
N PRO D 196 3.17 -6.45 24.53
CA PRO D 196 2.52 -5.93 25.76
C PRO D 196 2.28 -4.43 25.76
N SER D 197 3.12 -3.68 25.01
CA SER D 197 3.13 -2.22 24.99
C SER D 197 2.49 -1.58 23.77
N ASP D 198 2.95 -1.98 22.57
CA ASP D 198 2.44 -1.44 21.31
C ASP D 198 1.44 -2.38 20.62
N GLY D 199 1.12 -3.49 21.29
CA GLY D 199 0.20 -4.48 20.78
C GLY D 199 -1.26 -4.20 21.05
N PHE D 200 -2.11 -4.95 20.34
CA PHE D 200 -3.58 -4.89 20.37
C PHE D 200 -4.28 -6.18 19.91
N VAL D 201 -5.62 -6.16 20.04
CA VAL D 201 -6.51 -7.23 19.63
C VAL D 201 -7.65 -6.63 18.82
N LEU D 202 -7.88 -7.16 17.62
CA LEU D 202 -8.95 -6.70 16.73
C LEU D 202 -10.05 -7.77 16.71
N ILE D 203 -11.27 -7.34 17.07
CA ILE D 203 -12.40 -8.24 17.21
C ILE D 203 -13.72 -7.62 16.70
N PRO D 204 -14.66 -8.40 16.06
CA PRO D 204 -15.96 -7.80 15.72
C PRO D 204 -16.56 -7.27 17.02
N ASP D 205 -17.20 -6.10 16.97
CA ASP D 205 -17.80 -5.57 18.16
C ASP D 205 -19.09 -6.33 18.34
N LEU D 206 -19.53 -6.54 19.59
CA LEU D 206 -20.80 -7.22 19.96
C LEU D 206 -22.02 -6.72 19.13
N LYS D 207 -22.04 -5.40 18.79
CA LYS D 207 -23.12 -4.72 18.04
C LYS D 207 -23.31 -5.28 16.62
N TRP D 208 -22.29 -5.95 16.08
CA TRP D 208 -22.29 -6.49 14.72
C TRP D 208 -22.50 -8.02 14.63
N ASN D 209 -23.56 -8.41 13.90
CA ASN D 209 -24.00 -9.80 13.66
C ASN D 209 -23.13 -10.59 12.64
N GLN D 210 -22.19 -9.91 11.96
CA GLN D 210 -21.24 -10.45 10.98
C GLN D 210 -21.87 -11.08 9.75
N GLN D 211 -23.17 -10.90 9.51
CA GLN D 211 -23.80 -11.55 8.34
C GLN D 211 -23.77 -10.68 7.05
N GLN D 212 -23.21 -9.46 7.14
CA GLN D 212 -23.09 -8.50 6.04
C GLN D 212 -22.02 -7.46 6.33
N LEU D 213 -21.39 -6.92 5.28
CA LEU D 213 -20.32 -5.93 5.40
C LEU D 213 -20.84 -4.52 5.46
N ASP D 214 -22.13 -4.32 5.15
CA ASP D 214 -22.81 -3.00 5.14
C ASP D 214 -22.66 -2.22 6.45
N ASP D 215 -22.68 -2.95 7.59
CA ASP D 215 -22.59 -2.46 8.96
C ASP D 215 -21.33 -3.00 9.69
N LEU D 216 -20.24 -3.27 8.94
CA LEU D 216 -18.98 -3.77 9.50
C LEU D 216 -18.51 -2.87 10.62
N TYR D 217 -18.44 -3.42 11.80
CA TYR D 217 -18.03 -2.72 13.00
C TYR D 217 -17.12 -3.62 13.79
N LEU D 218 -15.85 -3.21 13.87
CA LEU D 218 -14.81 -3.95 14.55
C LEU D 218 -14.16 -3.04 15.54
N ILE D 219 -13.72 -3.63 16.67
CA ILE D 219 -13.07 -2.86 17.73
C ILE D 219 -11.61 -3.40 17.97
N ALA D 220 -10.65 -2.46 18.02
CA ALA D 220 -9.24 -2.71 18.31
C ALA D 220 -8.99 -2.29 19.79
N ILE D 221 -8.69 -3.25 20.65
CA ILE D 221 -8.46 -2.95 22.07
C ILE D 221 -6.97 -3.15 22.31
N CYS D 222 -6.29 -2.16 22.89
CA CYS D 222 -4.84 -2.25 23.12
C CYS D 222 -4.50 -3.21 24.26
N HIS D 223 -3.35 -3.89 24.16
CA HIS D 223 -2.94 -4.80 25.23
C HIS D 223 -2.54 -4.04 26.49
N ARG D 224 -1.86 -2.91 26.30
CA ARG D 224 -1.37 -2.07 27.36
C ARG D 224 -2.47 -1.47 28.23
N ARG D 225 -2.35 -1.61 29.56
CA ARG D 225 -3.30 -1.10 30.56
C ARG D 225 -2.95 0.33 30.99
N GLY D 226 -3.95 1.12 31.36
CA GLY D 226 -3.73 2.49 31.82
C GLY D 226 -3.98 3.66 30.87
N ILE D 227 -4.20 3.38 29.56
CA ILE D 227 -4.50 4.45 28.59
C ILE D 227 -6.00 4.53 28.61
N ARG D 228 -6.54 5.35 29.52
CA ARG D 228 -7.98 5.43 29.70
C ARG D 228 -8.70 6.05 28.49
N SER D 229 -8.15 7.13 27.92
CA SER D 229 -8.78 7.87 26.84
C SER D 229 -7.76 8.69 26.10
N LEU D 230 -8.28 9.48 25.15
CA LEU D 230 -7.61 10.47 24.30
C LEU D 230 -6.70 11.39 25.15
N ARG D 231 -7.16 11.77 26.35
CA ARG D 231 -6.43 12.65 27.27
C ARG D 231 -5.10 12.08 27.77
N ASP D 232 -4.98 10.74 27.83
CA ASP D 232 -3.75 10.08 28.28
C ASP D 232 -2.67 9.98 27.16
N LEU D 233 -3.04 10.32 25.91
CA LEU D 233 -2.17 10.19 24.75
C LEU D 233 -1.08 11.24 24.62
N THR D 234 0.17 10.74 24.47
CA THR D 234 1.42 11.49 24.29
C THR D 234 2.22 10.83 23.16
N PRO D 235 3.30 11.46 22.63
CA PRO D 235 4.08 10.81 21.56
C PRO D 235 4.60 9.39 21.85
N GLU D 236 4.69 8.97 23.11
CA GLU D 236 5.15 7.62 23.41
C GLU D 236 4.16 6.55 22.89
N HIS D 237 2.86 6.93 22.75
CA HIS D 237 1.79 6.07 22.26
C HIS D 237 1.70 6.00 20.72
N LEU D 238 2.55 6.78 20.00
CA LEU D 238 2.54 6.80 18.55
C LEU D 238 2.78 5.41 17.91
N PRO D 239 3.78 4.60 18.33
CA PRO D 239 3.92 3.25 17.75
C PRO D 239 2.65 2.39 17.92
N LEU D 240 2.01 2.49 19.08
CA LEU D 240 0.77 1.80 19.40
C LEU D 240 -0.36 2.26 18.47
N LEU D 241 -0.51 3.57 18.31
CA LEU D 241 -1.57 4.14 17.48
C LEU D 241 -1.36 3.86 16.02
N ARG D 242 -0.09 3.85 15.56
CA ARG D 242 0.24 3.55 14.17
C ARG D 242 -0.03 2.08 13.90
N ASN D 243 0.21 1.22 14.92
CA ASN D 243 -0.03 -0.22 14.76
C ASN D 243 -1.50 -0.50 14.57
N ILE D 244 -2.35 0.16 15.36
CA ILE D 244 -3.80 -0.02 15.27
C ILE D 244 -4.28 0.44 13.90
N LEU D 245 -3.81 1.61 13.45
CA LEU D 245 -4.20 2.19 12.19
C LEU D 245 -3.85 1.29 11.00
N HIS D 246 -2.56 0.94 10.88
CA HIS D 246 -2.03 0.13 9.81
C HIS D 246 -2.39 -1.32 9.91
N GLN D 247 -1.94 -2.01 10.97
CA GLN D 247 -2.23 -3.43 11.18
C GLN D 247 -3.73 -3.75 11.19
N GLY D 248 -4.52 -2.90 11.83
CA GLY D 248 -5.98 -3.08 11.92
C GLY D 248 -6.66 -3.09 10.57
N GLN D 249 -6.36 -2.07 9.76
CA GLN D 249 -6.89 -1.93 8.40
C GLN D 249 -6.46 -3.08 7.49
N GLU D 250 -5.19 -3.53 7.63
CA GLU D 250 -4.66 -4.63 6.82
C GLU D 250 -5.29 -5.97 7.24
N ALA D 251 -5.77 -6.08 8.50
CA ALA D 251 -6.46 -7.26 9.01
C ALA D 251 -7.88 -7.32 8.41
N ILE D 252 -8.59 -6.15 8.40
CA ILE D 252 -9.93 -6.04 7.80
C ILE D 252 -9.83 -6.45 6.33
N LEU D 253 -8.82 -5.91 5.61
CA LEU D 253 -8.58 -6.23 4.21
C LEU D 253 -8.41 -7.72 3.98
N GLN D 254 -7.55 -8.39 4.78
CA GLN D 254 -7.31 -9.83 4.65
C GLN D 254 -8.59 -10.64 4.84
N ARG D 255 -9.22 -10.46 6.00
CA ARG D 255 -10.38 -11.22 6.46
C ARG D 255 -11.67 -10.94 5.69
N TYR D 256 -12.03 -9.66 5.60
CA TYR D 256 -13.29 -9.22 5.03
C TYR D 256 -13.18 -8.67 3.61
N ARG D 257 -11.97 -8.77 2.99
CA ARG D 257 -11.65 -8.28 1.64
C ARG D 257 -12.07 -6.79 1.44
N MET D 258 -12.04 -5.99 2.52
CA MET D 258 -12.50 -4.60 2.57
C MET D 258 -11.33 -3.59 2.63
N LYS D 259 -11.20 -2.81 1.58
CA LYS D 259 -10.16 -1.80 1.45
C LYS D 259 -10.35 -0.69 2.50
N GLY D 260 -9.23 -0.10 2.92
CA GLY D 260 -9.17 0.97 3.90
C GLY D 260 -10.00 2.17 3.53
N ASP D 261 -10.13 2.48 2.22
CA ASP D 261 -10.94 3.63 1.76
C ASP D 261 -12.46 3.39 1.95
N HIS D 262 -12.85 2.16 2.34
CA HIS D 262 -14.24 1.83 2.66
C HIS D 262 -14.41 1.92 4.19
N LEU D 263 -13.35 2.30 4.95
CA LEU D 263 -13.37 2.35 6.41
C LEU D 263 -13.19 3.70 7.07
N ARG D 264 -13.95 3.92 8.13
CA ARG D 264 -13.94 5.06 9.04
C ARG D 264 -13.30 4.53 10.36
N VAL D 265 -12.06 4.96 10.70
CA VAL D 265 -11.28 4.53 11.88
C VAL D 265 -11.17 5.67 12.90
N TYR D 266 -11.87 5.54 14.05
CA TYR D 266 -12.00 6.60 15.05
C TYR D 266 -11.95 6.16 16.52
N LEU D 267 -11.77 7.16 17.40
CA LEU D 267 -11.77 7.07 18.85
C LEU D 267 -12.94 7.90 19.34
N HIS D 268 -13.43 7.58 20.53
CA HIS D 268 -14.50 8.32 21.14
C HIS D 268 -14.02 9.19 22.29
N TYR D 269 -14.34 10.48 22.27
CA TYR D 269 -14.05 11.25 23.44
C TYR D 269 -15.32 11.45 24.24
N LEU D 270 -15.06 11.08 25.44
CA LEU D 270 -15.67 10.55 26.59
C LEU D 270 -16.17 9.18 26.19
N PRO D 271 -15.18 8.24 26.21
CA PRO D 271 -15.49 6.85 25.88
C PRO D 271 -16.33 6.24 27.03
N SER D 272 -17.06 5.19 26.73
CA SER D 272 -17.87 4.45 27.70
C SER D 272 -16.98 3.60 28.62
N TYR D 273 -15.87 3.05 28.08
CA TYR D 273 -14.89 2.20 28.77
C TYR D 273 -13.59 2.97 28.76
N TYR D 274 -12.98 3.03 29.91
CA TYR D 274 -11.79 3.81 30.02
C TYR D 274 -10.55 2.93 29.89
N HIS D 275 -10.46 2.28 28.73
CA HIS D 275 -9.37 1.44 28.27
C HIS D 275 -9.38 1.69 26.77
N LEU D 276 -8.35 2.39 26.25
CA LEU D 276 -8.24 2.82 24.86
C LEU D 276 -8.71 1.77 23.88
N HIS D 277 -9.59 2.20 22.96
CA HIS D 277 -10.13 1.36 21.89
C HIS D 277 -10.44 2.11 20.67
N VAL D 278 -10.16 1.51 19.53
CA VAL D 278 -10.37 2.13 18.23
C VAL D 278 -11.51 1.43 17.44
N HIS D 279 -12.45 2.22 16.90
CA HIS D 279 -13.57 1.70 16.13
C HIS D 279 -13.24 1.71 14.65
N PHE D 280 -13.50 0.59 13.99
CA PHE D 280 -13.31 0.36 12.57
C PHE D 280 -14.69 0.13 11.98
N THR D 281 -15.26 1.15 11.29
CA THR D 281 -16.63 1.08 10.74
C THR D 281 -16.75 1.30 9.24
N ALA D 282 -17.63 0.50 8.60
CA ALA D 282 -17.95 0.64 7.19
C ALA D 282 -18.46 2.08 7.00
N LEU D 283 -17.81 2.84 6.09
CA LEU D 283 -18.08 4.23 5.75
C LEU D 283 -19.56 4.50 5.45
N GLY D 284 -20.20 3.56 4.77
CA GLY D 284 -21.62 3.66 4.41
C GLY D 284 -22.58 3.50 5.58
N PHE D 285 -22.06 3.00 6.72
CA PHE D 285 -22.81 2.77 7.94
C PHE D 285 -22.78 4.00 8.81
N GLU D 286 -23.97 4.57 9.06
CA GLU D 286 -24.03 5.74 9.93
C GLU D 286 -24.07 5.27 11.40
N ALA D 287 -22.91 4.69 11.80
CA ALA D 287 -22.58 4.09 13.10
C ALA D 287 -22.92 4.97 14.31
N PRO D 288 -23.30 4.34 15.47
CA PRO D 288 -23.56 5.15 16.67
C PRO D 288 -22.24 5.66 17.23
N GLY D 289 -22.17 6.98 17.33
CA GLY D 289 -21.00 7.68 17.82
C GLY D 289 -20.02 8.10 16.74
N SER D 290 -20.41 7.99 15.47
CA SER D 290 -19.55 8.44 14.37
C SER D 290 -19.64 9.97 14.18
N GLY D 291 -20.53 10.62 14.95
CA GLY D 291 -20.78 12.06 14.97
C GLY D 291 -19.61 12.90 15.43
N VAL D 292 -19.46 14.11 14.90
CA VAL D 292 -18.36 15.03 15.19
C VAL D 292 -18.25 15.38 16.72
N GLU D 293 -19.39 15.39 17.45
CA GLU D 293 -19.44 15.69 18.88
C GLU D 293 -18.80 14.58 19.76
N ARG D 294 -18.32 13.45 19.15
CA ARG D 294 -17.71 12.35 19.91
C ARG D 294 -16.52 11.64 19.21
N ALA D 295 -16.62 11.40 17.90
CA ALA D 295 -15.58 10.72 17.12
C ALA D 295 -14.37 11.59 16.79
N HIS D 296 -13.16 10.99 16.86
CA HIS D 296 -11.87 11.62 16.54
C HIS D 296 -11.14 10.62 15.69
N LEU D 297 -10.85 10.96 14.41
CA LEU D 297 -10.17 10.03 13.50
C LEU D 297 -8.77 9.68 13.99
N LEU D 298 -8.41 8.38 13.95
CA LEU D 298 -7.09 7.90 14.37
C LEU D 298 -5.98 8.60 13.61
N ALA D 299 -6.08 8.67 12.25
CA ALA D 299 -5.07 9.30 11.44
C ALA D 299 -4.78 10.73 11.92
N GLU D 300 -5.85 11.49 12.23
CA GLU D 300 -5.78 12.85 12.74
C GLU D 300 -5.16 12.89 14.16
N VAL D 301 -5.61 12.00 15.09
CA VAL D 301 -5.05 11.88 16.45
C VAL D 301 -3.53 11.74 16.36
N ILE D 302 -3.04 10.80 15.51
CA ILE D 302 -1.60 10.53 15.27
C ILE D 302 -0.88 11.81 14.80
N GLU D 303 -1.39 12.45 13.76
CA GLU D 303 -0.82 13.67 13.19
C GLU D 303 -0.79 14.81 14.17
N ASN D 304 -1.77 14.89 15.09
CA ASN D 304 -1.77 15.93 16.12
C ASN D 304 -0.60 15.70 17.08
N LEU D 305 -0.41 14.46 17.57
CA LEU D 305 0.72 14.10 18.45
C LEU D 305 2.09 14.27 17.76
N GLU D 306 2.17 14.08 16.41
CA GLU D 306 3.39 14.29 15.64
C GLU D 306 3.72 15.79 15.53
N CYS D 307 2.69 16.65 15.60
CA CYS D 307 2.84 18.10 15.51
C CYS D 307 3.01 18.78 16.85
N ASP D 308 2.14 18.43 17.83
CA ASP D 308 2.14 19.00 19.17
C ASP D 308 2.14 17.88 20.18
N PRO D 309 3.31 17.57 20.80
CA PRO D 309 3.36 16.49 21.80
C PRO D 309 2.35 16.62 22.95
N ARG D 310 2.10 17.86 23.40
CA ARG D 310 1.22 18.16 24.52
C ARG D 310 -0.25 18.44 24.09
N HIS D 311 -0.59 18.15 22.81
CA HIS D 311 -1.92 18.43 22.23
C HIS D 311 -3.10 18.00 23.08
N TYR D 312 -3.21 16.70 23.43
CA TYR D 312 -4.38 16.17 24.13
C TYR D 312 -4.42 16.49 25.62
N GLN D 313 -3.32 16.98 26.18
CA GLN D 313 -3.24 17.36 27.58
C GLN D 313 -3.67 18.82 27.73
N GLN D 314 -3.42 19.65 26.69
CA GLN D 314 -3.69 21.10 26.69
C GLN D 314 -4.90 21.58 25.90
N ARG D 315 -5.26 20.92 24.79
CA ARG D 315 -6.34 21.41 23.94
C ARG D 315 -7.75 21.17 24.52
N THR D 316 -8.74 22.01 24.10
CA THR D 316 -10.12 21.96 24.57
C THR D 316 -10.97 21.01 23.72
N LEU D 317 -11.45 19.93 24.35
CA LEU D 317 -12.27 18.91 23.70
C LEU D 317 -13.78 19.15 23.91
N THR D 318 -14.57 18.90 22.85
CA THR D 318 -16.02 19.08 22.85
C THR D 318 -16.72 17.71 22.82
N PHE D 319 -17.69 17.54 23.72
CA PHE D 319 -18.47 16.29 23.83
C PHE D 319 -19.84 16.53 24.45
N ALA D 320 -20.74 15.54 24.29
CA ALA D 320 -22.09 15.58 24.85
C ALA D 320 -22.19 14.69 26.07
N LEU D 321 -23.02 15.09 27.02
CA LEU D 321 -23.28 14.37 28.26
C LEU D 321 -24.76 14.35 28.52
N ARG D 322 -25.25 13.31 29.21
CA ARG D 322 -26.66 13.19 29.57
C ARG D 322 -26.95 14.31 30.59
N ALA D 323 -28.13 14.95 30.51
CA ALA D 323 -28.50 16.05 31.39
C ALA D 323 -28.41 15.66 32.87
N ASP D 324 -28.74 14.39 33.18
CA ASP D 324 -28.71 13.79 34.52
C ASP D 324 -27.31 13.36 35.01
N ASP D 325 -26.27 13.45 34.15
CA ASP D 325 -24.90 13.04 34.49
C ASP D 325 -24.28 14.01 35.50
N PRO D 326 -23.73 13.53 36.66
CA PRO D 326 -23.12 14.45 37.66
C PRO D 326 -21.91 15.20 37.14
N LEU D 327 -21.17 14.62 36.17
CA LEU D 327 -20.01 15.29 35.55
C LEU D 327 -20.44 16.55 34.81
N LEU D 328 -21.65 16.53 34.20
CA LEU D 328 -22.18 17.69 33.48
C LEU D 328 -22.33 18.88 34.42
N LYS D 329 -23.00 18.67 35.57
CA LYS D 329 -23.23 19.70 36.58
C LYS D 329 -21.89 20.22 37.11
N LEU D 330 -20.95 19.29 37.44
CA LEU D 330 -19.62 19.59 37.96
C LEU D 330 -18.84 20.57 37.07
N LEU D 331 -18.83 20.33 35.75
CA LEU D 331 -18.16 21.17 34.74
C LEU D 331 -18.89 22.51 34.57
N GLN D 332 -20.25 22.50 34.55
CA GLN D 332 -21.07 23.71 34.44
C GLN D 332 -20.78 24.63 35.61
N GLU D 333 -20.80 24.06 36.86
CA GLU D 333 -20.49 24.74 38.13
C GLU D 333 -19.08 25.36 38.07
N ALA D 334 -18.11 24.60 37.53
CA ALA D 334 -16.72 25.02 37.43
C ALA D 334 -16.53 26.15 36.44
N GLN D 335 -17.31 26.14 35.36
CA GLN D 335 -17.18 27.10 34.27
C GLN D 335 -17.85 28.45 34.54
N GLN D 336 -18.47 28.64 35.72
CA GLN D 336 -19.09 29.92 36.13
C GLN D 336 -18.79 30.30 37.56
N SER D 337 -18.76 29.32 38.52
CA SER D 337 -18.52 29.58 39.95
C SER D 337 -17.14 29.12 40.41
P PO4 E . 19.91 -6.73 -25.39
O1 PO4 E . 20.12 -5.84 -26.70
O2 PO4 E . 18.47 -6.52 -24.89
O3 PO4 E . 20.89 -6.28 -24.21
O4 PO4 E . 20.11 -8.25 -25.84
C1 30S F . 26.23 1.42 -26.85
C2 30S F . 25.29 2.43 -26.85
C3 30S F . 24.21 2.37 -27.70
C4 30S F . 24.08 1.30 -28.57
C5 30S F . 25.00 0.24 -28.58
C6 30S F . 26.09 0.33 -27.71
C7 30S F . 24.84 -1.00 -29.42
O1 30S F . 25.99 -1.85 -29.34
C8 30S F . 27.03 -1.67 -30.21
C9 30S F . 27.11 -0.70 -31.19
C10 30S F . 28.11 -0.74 -32.14
C11 30S F . 29.07 -1.72 -32.11
C12 30S F . 29.03 -2.72 -31.11
C13 30S F . 28.00 -2.70 -30.12
C14 30S F . 28.15 -3.76 -29.12
N1 30S F . 29.13 -4.65 -29.12
C15 30S F . 30.04 -4.57 -30.12
N2 30S F . 30.03 -3.66 -31.12
N3 30S F . 31.04 -5.46 -30.09
N4 30S F . 27.28 -3.85 -28.10
S1 30S F . 22.77 1.55 -29.66
O2 30S F . 21.66 2.07 -28.97
O3 30S F . 22.56 0.42 -30.47
H1 30S F . 27.08 1.47 -26.18
H2 30S F . 25.41 3.27 -26.17
H3 30S F . 23.45 3.15 -27.64
H4 30S F . 26.85 -0.44 -27.64
H6 30S F . 24.63 -0.77 -30.47
H5 30S F . 24.00 -1.56 -29.04
H7 30S F . 26.43 0.16 -31.25
H8 30S F . 28.12 0.00 -32.94
H9 30S F . 29.87 -1.72 -32.84
H10 30S F . 31.76 -5.47 -30.81
H11 30S F . 31.11 -6.15 -29.36
H12 30S F . 26.53 -3.18 -27.97
H13 30S F . 27.29 -4.63 -27.45
P PO4 G . 16.95 -15.75 0.57
O1 PO4 G . 18.42 -15.69 -0.06
O2 PO4 G . 15.87 -16.11 -0.47
O3 PO4 G . 16.69 -14.36 1.29
O4 PO4 G . 16.87 -16.88 1.70
P PO4 H . 12.01 -21.50 -13.66
O1 PO4 H . 12.77 -20.22 -14.26
O2 PO4 H . 10.66 -20.93 -13.13
O3 PO4 H . 12.82 -22.15 -12.44
O4 PO4 H . 11.89 -22.70 -14.72
C1 30S I . -23.62 -4.34 24.78
C2 30S I . -24.39 -3.80 25.79
C3 30S I . -23.79 -3.26 26.92
C4 30S I . -22.40 -3.29 27.04
C5 30S I . -21.58 -3.79 26.01
C6 30S I . -22.23 -4.33 24.89
C7 30S I . -20.08 -3.71 26.02
O1 30S I . -19.51 -4.39 24.90
C8 30S I . -19.19 -5.73 25.02
C9 30S I . -19.43 -6.50 26.14
C10 30S I . -18.92 -7.78 26.22
C11 30S I . -18.19 -8.31 25.19
C12 30S I . -17.95 -7.56 24.03
C13 30S I . -18.47 -6.23 23.91
C14 30S I . -18.17 -5.61 22.63
N1 30S I . -17.46 -6.19 21.66
C15 30S I . -16.99 -7.43 21.91
N2 30S I . -17.20 -8.14 23.03
N3 30S I . -16.25 -8.00 20.94
N4 30S I . -18.66 -4.39 22.35
S1 30S I . -21.90 -2.75 28.59
O2 30S I . -22.71 -1.67 29.01
O3 30S I . -20.50 -2.59 28.64
P PO4 J . -22.82 21.55 2.86
O1 PO4 J . -23.30 22.40 1.67
O2 PO4 J . -21.90 22.41 3.85
O3 PO4 J . -24.08 20.87 3.58
O4 PO4 J . -21.94 20.32 2.32
P PO4 K . -10.11 19.62 12.32
O1 PO4 K . -8.94 19.62 11.24
O2 PO4 K . -11.05 20.85 12.20
O3 PO4 K . -9.48 19.56 13.79
O4 PO4 K . -11.03 18.32 12.14
P PO4 L . -9.17 16.73 17.43
O1 PO4 L . -8.57 17.00 15.97
O2 PO4 L . -10.71 16.90 17.32
O3 PO4 L . -8.60 17.75 18.52
O4 PO4 L . -8.86 15.21 17.83
P PO4 M . -15.99 3.62 23.36
O1 PO4 M . -14.86 4.47 22.74
O2 PO4 M . -15.86 2.12 22.83
O3 PO4 M . -15.78 3.55 24.95
O4 PO4 M . -17.44 4.24 23.04
#